data_8HVI
#
_entry.id   8HVI
#
_cell.length_a   1.00
_cell.length_b   1.00
_cell.length_c   1.00
_cell.angle_alpha   90.00
_cell.angle_beta   90.00
_cell.angle_gamma   90.00
#
_symmetry.space_group_name_H-M   'P 1'
#
loop_
_entity.id
_entity.type
_entity.pdbx_description
1 polymer 'Soluble cytochrome b562,Probable G-protein coupled receptor 132'
2 polymer 'Guanine nucleotide-binding protein G(i) subunit alpha-1'
3 polymer 'Guanine nucleotide-binding protein G(I)/G(S)/G(T) subunit beta-1'
4 polymer 'Guanine nucleotide-binding protein G(I)/G(S)/G(O) subunit gamma-2'
5 polymer scFv16
6 non-polymer '3-methyl-5-[(4-oxidanylidene-4-phenyl-butanoyl)amino]-1-benzofuran-2-carboxylic acid'
#
loop_
_entity_poly.entity_id
_entity_poly.type
_entity_poly.pdbx_seq_one_letter_code
_entity_poly.pdbx_strand_id
1 'polypeptide(L)'
;MKTIIALSYIFCLVFADYKDDDDKADLEDNWETLNDNLKVIEKADNAAQVKDALTKMRAAALDAQKATPPKLEDKSPDSP
EMKDFRHGFDILVGQIDDALKLANEGKVKEAQAAAEQLKTTRNAYIQKYLMCPMLLKNGYNGNATPVTTTAPWASLGLSA
KTCNNVSFEESRIVLVVVYSAVCTLGVPANCLTAWLALLQVLQGNVLAVYLLCLALCELLYTGTLPLWVIYIRNQHRWTL
GLLACKVTAYIFFCNIYVSILFLCCISCDRFVAVVYALESRGRRRRRTAILISACIFILVGIVHYPVFQTEDKETCFDML
QMDSRIAGYYYARFTVGFAIPLSIIAFTNHRIFRSIKQSMGLSAAQKAKVKHSAIAVVVIFLVCFAPYHLVLLVKAAAFS
YYRGDRNAMCGLEERLYTASVVFLCLSTVNGVADPIIYVLATDHSRQEVSRIHKGWKEWSMKTDVTRLTHSRDTEELQSP
VALADHYTFSRPVHPPGSPCPAKRLIEESC
;
R
2 'polypeptide(L)'
;MGCTLSAEDKAAVERSKMIDRNLREDGEKAAREVKLLLLGAGESGKSTIVKQMKIIHEAGYSEEECKQYKAVVYSNTIQS
IIAIIRAMGRLKIDFGDSARADDARQLFVLAGAAEEGFMTAELAGVIKRLWKDSGVQACFNRSREYQLNDSAAYYLNDLD
RIAQPNYIPTQQDVLRTRVKTTGIVETHFTFKDLHFKMFDVGAQRSERKKWIHCFEGVTAIIFCVALSDYDLVLAEDEEM
NRMHESMKLFDSICNNKWFTDTSIILFLNKKDLFEEKIKKSPLTICYPEYAGSNTYEEAAAYIQCQFEDLNKRKDTKEIY
THFTCSTDTKNVQFVFDAVTDVIIKNNLKDCGLF
;
B
3 'polypeptide(L)'
;MHHHHHHLEVLFQGPGSSQSELDQLRQEAEQLKNQIRDARKACADATLSQITNNIDPVGRIQMRTRRTLRGHLAKIYAMH
WGTDSRLLVSASQDGKLIIWDSYTTNKVHAIPLRSSWVMTCAYAPSGNYVACGGLDNICSIYNLKTREGNVRVSRELAGH
TGYLSCCRFLDDNQIVTSSGDTTCALWDIETGQQTTTFTGHTGDVMSLSLAPDTRLFVSGACDASAKLWDVREGMCRQTF
TGHESDINAICFFPNGNAFATGSDDATCRLFDLRADQELMTYSHDNIICGITSVSFSKSGRLLLAGYDDFNCNVWDALKA
DRAGVLAGHDNRVSCLGVTDDGMAVATGSWDSFLKIWN
;
C
4 'polypeptide(L)' NTASIAQARKLVEQLKMEANIDRIKVSKAAADLMAYCEAHAKEDPLLTPVPASENPFR D
5 'polypeptide(L)'
;DVQLVESGGGLVQPGGSRKLSCSASGFAFSSFGMHWVRQAPEKGLEWVAYISSGSGTIYYADTVKGRFTISRDDPKNTLF
LQMTSLRSEDTAMYYCVRSIYYYGSSPFDFWGQGTTLTVSSGGGGSGGGGSGGGGSDIVMTQATSSVPVTPGESVSISCR
SSKSLLHSNGNTYLYWFLQRPGQSPQLLIYRMSNLASGVPDRFSGSGSGTAFTLTISRLEAEDVGVYYCMQHLEYPLTFG
AGTKLELKGS
;
H
#
loop_
_chem_comp.id
_chem_comp.type
_chem_comp.name
_chem_comp.formula
NFI non-polymer '3-methyl-5-[(4-oxidanylidene-4-phenyl-butanoyl)amino]-1-benzofuran-2-carboxylic acid' 'C20 H17 N O5'
#
# COMPACT_ATOMS: atom_id res chain seq x y z
N GLU A 169 -61.64 -7.98 17.62
CA GLU A 169 -61.97 -8.88 18.72
C GLU A 169 -60.75 -9.72 19.09
N GLU A 170 -60.93 -11.04 19.20
CA GLU A 170 -59.80 -11.96 19.33
C GLU A 170 -58.89 -11.91 18.11
N SER A 171 -59.44 -11.55 16.95
CA SER A 171 -58.65 -11.35 15.74
C SER A 171 -57.63 -10.24 15.94
N ARG A 172 -57.98 -9.21 16.72
CA ARG A 172 -57.05 -8.14 17.03
C ARG A 172 -55.86 -8.63 17.84
N ILE A 173 -56.11 -9.45 18.87
CA ILE A 173 -55.04 -9.79 19.81
C ILE A 173 -54.13 -10.87 19.20
N VAL A 174 -54.70 -11.77 18.38
CA VAL A 174 -53.87 -12.74 17.68
C VAL A 174 -53.11 -12.12 16.52
N LEU A 175 -53.46 -10.89 16.13
CA LEU A 175 -52.73 -10.19 15.09
C LEU A 175 -51.75 -9.16 15.62
N VAL A 176 -51.96 -8.63 16.82
CA VAL A 176 -50.95 -7.75 17.39
C VAL A 176 -49.87 -8.55 18.12
N VAL A 177 -50.19 -9.77 18.54
CA VAL A 177 -49.13 -10.68 18.99
C VAL A 177 -48.25 -11.08 17.82
N VAL A 178 -48.87 -11.50 16.71
CA VAL A 178 -48.10 -12.02 15.57
C VAL A 178 -47.44 -10.92 14.77
N TYR A 179 -47.83 -9.65 14.97
CA TYR A 179 -47.11 -8.54 14.38
C TYR A 179 -45.98 -8.03 15.27
N SER A 180 -46.20 -8.00 16.58
CA SER A 180 -45.11 -7.63 17.48
C SER A 180 -44.05 -8.72 17.52
N ALA A 181 -44.45 -9.99 17.38
CA ALA A 181 -43.49 -11.08 17.40
C ALA A 181 -42.59 -11.06 16.18
N VAL A 182 -43.15 -10.83 14.98
CA VAL A 182 -42.31 -10.76 13.79
C VAL A 182 -41.48 -9.48 13.79
N CYS A 183 -41.96 -8.45 14.48
CA CYS A 183 -41.14 -7.27 14.68
C CYS A 183 -39.97 -7.57 15.62
N THR A 184 -40.26 -8.19 16.77
CA THR A 184 -39.23 -8.39 17.77
C THR A 184 -38.31 -9.57 17.47
N LEU A 185 -38.63 -10.38 16.45
CA LEU A 185 -37.64 -11.32 15.95
C LEU A 185 -36.83 -10.70 14.82
N GLY A 186 -37.37 -9.67 14.17
CA GLY A 186 -36.61 -8.96 13.16
C GLY A 186 -35.42 -8.20 13.72
N VAL A 187 -35.58 -7.61 14.91
CA VAL A 187 -34.49 -6.83 15.52
C VAL A 187 -33.22 -7.64 15.77
N PRO A 188 -33.26 -8.86 16.34
CA PRO A 188 -31.99 -9.62 16.43
C PRO A 188 -31.47 -10.08 15.08
N ALA A 189 -32.36 -10.39 14.14
CA ALA A 189 -31.92 -10.84 12.83
C ALA A 189 -31.31 -9.70 12.03
N ASN A 190 -31.87 -8.49 12.15
CA ASN A 190 -31.34 -7.36 11.40
C ASN A 190 -30.01 -6.88 11.96
N CYS A 191 -29.87 -6.89 13.29
CA CYS A 191 -28.64 -6.40 13.89
C CYS A 191 -27.50 -7.39 13.71
N LEU A 192 -27.81 -8.69 13.63
CA LEU A 192 -26.79 -9.68 13.34
C LEU A 192 -26.27 -9.54 11.91
N THR A 193 -27.17 -9.31 10.95
CA THR A 193 -26.73 -9.15 9.58
C THR A 193 -26.06 -7.80 9.36
N ALA A 194 -26.43 -6.78 10.15
CA ALA A 194 -25.75 -5.50 10.09
C ALA A 194 -24.30 -5.62 10.54
N TRP A 195 -24.05 -6.38 11.61
CA TRP A 195 -22.67 -6.63 12.02
C TRP A 195 -21.96 -7.56 11.06
N LEU A 196 -22.70 -8.47 10.42
CA LEU A 196 -22.13 -9.27 9.34
C LEU A 196 -21.75 -8.40 8.15
N ALA A 197 -22.61 -7.43 7.81
CA ALA A 197 -22.30 -6.51 6.73
C ALA A 197 -21.13 -5.60 7.09
N LEU A 198 -21.07 -5.15 8.35
CA LEU A 198 -19.97 -4.30 8.78
C LEU A 198 -18.65 -5.06 8.80
N LEU A 199 -18.68 -6.34 9.20
CA LEU A 199 -17.47 -7.17 9.12
C LEU A 199 -17.06 -7.40 7.68
N GLN A 200 -18.04 -7.61 6.79
CA GLN A 200 -17.72 -7.90 5.40
C GLN A 200 -17.26 -6.66 4.65
N VAL A 201 -17.80 -5.49 5.00
CA VAL A 201 -17.46 -4.25 4.29
C VAL A 201 -16.03 -3.79 4.61
N LEU A 202 -15.39 -4.38 5.62
CA LEU A 202 -13.96 -4.22 5.81
C LEU A 202 -13.17 -4.78 4.63
N GLN A 203 -13.73 -5.77 3.94
CA GLN A 203 -13.16 -6.33 2.72
C GLN A 203 -14.19 -6.40 1.60
N GLY A 204 -15.20 -5.52 1.64
CA GLY A 204 -16.36 -5.64 0.78
C GLY A 204 -16.20 -4.99 -0.58
N ASN A 205 -17.33 -4.85 -1.26
CA ASN A 205 -17.39 -4.35 -2.63
C ASN A 205 -18.58 -3.40 -2.76
N VAL A 206 -18.91 -3.05 -4.02
CA VAL A 206 -19.97 -2.07 -4.26
C VAL A 206 -21.34 -2.64 -3.88
N LEU A 207 -21.54 -3.93 -4.15
CA LEU A 207 -22.77 -4.57 -3.69
C LEU A 207 -22.81 -4.68 -2.17
N ALA A 208 -21.64 -4.70 -1.51
CA ALA A 208 -21.63 -4.70 -0.05
C ALA A 208 -22.10 -3.36 0.51
N VAL A 209 -21.78 -2.25 -0.17
CA VAL A 209 -22.30 -0.97 0.31
C VAL A 209 -23.78 -0.82 -0.05
N TYR A 210 -24.23 -1.45 -1.15
CA TYR A 210 -25.66 -1.51 -1.42
C TYR A 210 -26.40 -2.31 -0.36
N LEU A 211 -25.81 -3.43 0.06
CA LEU A 211 -26.38 -4.26 1.12
C LEU A 211 -26.34 -3.53 2.46
N LEU A 212 -25.31 -2.72 2.69
CA LEU A 212 -25.25 -1.91 3.91
C LEU A 212 -26.35 -0.87 3.94
N CYS A 213 -26.61 -0.20 2.81
CA CYS A 213 -27.72 0.75 2.73
C CYS A 213 -29.06 0.05 2.93
N LEU A 214 -29.23 -1.13 2.32
CA LEU A 214 -30.45 -1.90 2.50
C LEU A 214 -30.62 -2.38 3.94
N ALA A 215 -29.50 -2.73 4.60
CA ALA A 215 -29.57 -3.17 5.99
C ALA A 215 -29.89 -2.02 6.93
N LEU A 216 -29.36 -0.82 6.63
CA LEU A 216 -29.73 0.36 7.42
C LEU A 216 -31.21 0.70 7.23
N CYS A 217 -31.72 0.55 6.00
CA CYS A 217 -33.15 0.72 5.77
C CYS A 217 -33.96 -0.31 6.53
N GLU A 218 -33.50 -1.56 6.58
CA GLU A 218 -34.20 -2.61 7.32
C GLU A 218 -34.15 -2.35 8.82
N LEU A 219 -33.07 -1.75 9.32
CA LEU A 219 -33.03 -1.32 10.71
C LEU A 219 -34.02 -0.19 10.96
N LEU A 220 -34.19 0.71 9.99
CA LEU A 220 -35.25 1.71 10.07
C LEU A 220 -36.63 1.07 9.97
N TYR A 221 -36.71 -0.13 9.37
CA TYR A 221 -37.91 -0.95 9.30
C TYR A 221 -37.98 -1.94 10.47
N THR A 222 -37.45 -1.55 11.63
CA THR A 222 -37.62 -2.34 12.85
C THR A 222 -39.11 -2.45 13.20
N GLY A 223 -39.84 -1.35 13.10
CA GLY A 223 -41.26 -1.36 13.34
C GLY A 223 -41.68 -0.53 14.53
N THR A 224 -42.19 0.67 14.25
CA THR A 224 -42.80 1.53 15.25
C THR A 224 -44.32 1.40 15.27
N LEU A 225 -44.91 1.04 14.12
CA LEU A 225 -46.33 0.67 14.07
C LEU A 225 -46.78 -0.43 15.05
N PRO A 226 -45.97 -1.45 15.42
CA PRO A 226 -46.43 -2.38 16.47
C PRO A 226 -46.83 -1.73 17.79
N LEU A 227 -46.15 -0.67 18.21
CA LEU A 227 -46.53 0.05 19.43
C LEU A 227 -47.94 0.59 19.32
N TRP A 228 -48.23 1.32 18.24
CA TRP A 228 -49.54 1.94 18.07
C TRP A 228 -50.64 0.90 17.88
N VAL A 229 -50.37 -0.18 17.14
CA VAL A 229 -51.43 -1.17 16.95
C VAL A 229 -51.61 -2.03 18.20
N ILE A 230 -50.64 -2.03 19.11
CA ILE A 230 -50.88 -2.69 20.39
C ILE A 230 -51.70 -1.80 21.31
N TYR A 231 -51.35 -0.51 21.40
CA TYR A 231 -51.99 0.36 22.38
C TYR A 231 -53.42 0.72 21.98
N ILE A 232 -53.65 1.07 20.72
CA ILE A 232 -54.97 1.55 20.30
C ILE A 232 -55.62 0.64 19.25
N ARG A 233 -54.84 -0.22 18.57
CA ARG A 233 -55.31 -1.11 17.50
C ARG A 233 -55.99 -0.30 16.39
N ASN A 234 -55.15 0.51 15.72
CA ASN A 234 -55.52 1.38 14.62
C ASN A 234 -56.66 2.31 15.02
N GLN A 235 -57.83 2.14 14.37
CA GLN A 235 -59.07 2.90 14.54
C GLN A 235 -58.94 4.37 14.19
N HIS A 236 -57.76 4.84 13.77
CA HIS A 236 -57.41 6.21 13.43
C HIS A 236 -57.63 7.21 14.57
N ARG A 237 -57.83 6.72 15.78
CA ARG A 237 -57.98 7.56 16.97
C ARG A 237 -56.65 7.67 17.71
N TRP A 238 -55.64 8.15 16.99
CA TRP A 238 -54.30 8.26 17.55
C TRP A 238 -54.25 9.41 18.55
N THR A 239 -53.16 9.50 19.30
CA THR A 239 -53.03 10.44 20.41
C THR A 239 -52.31 11.73 20.03
N LEU A 240 -51.20 11.65 19.31
CA LEU A 240 -50.36 12.82 19.11
C LEU A 240 -50.85 13.73 17.99
N GLY A 241 -52.13 14.12 18.04
CA GLY A 241 -52.72 15.06 17.10
C GLY A 241 -52.70 14.63 15.65
N LEU A 242 -52.55 13.32 15.44
CA LEU A 242 -52.24 12.66 14.17
C LEU A 242 -50.96 13.17 13.54
N LEU A 243 -50.05 13.74 14.33
CA LEU A 243 -48.85 14.38 13.78
C LEU A 243 -47.72 13.37 13.65
N ALA A 244 -47.57 12.48 14.64
CA ALA A 244 -46.50 11.50 14.60
C ALA A 244 -46.88 10.25 13.81
N CYS A 245 -48.17 9.89 13.78
CA CYS A 245 -48.61 8.72 13.02
C CYS A 245 -48.39 8.92 11.53
N LYS A 246 -48.60 10.14 11.03
CA LYS A 246 -48.31 10.44 9.63
C LYS A 246 -46.81 10.36 9.35
N VAL A 247 -45.98 10.77 10.32
CA VAL A 247 -44.54 10.67 10.15
C VAL A 247 -44.09 9.22 10.10
N THR A 248 -44.64 8.37 10.99
CA THR A 248 -44.31 6.95 10.97
C THR A 248 -44.77 6.27 9.68
N ALA A 249 -45.95 6.67 9.18
CA ALA A 249 -46.41 6.17 7.89
C ALA A 249 -45.49 6.59 6.76
N TYR A 250 -45.00 7.84 6.80
CA TYR A 250 -44.05 8.33 5.80
C TYR A 250 -42.76 7.54 5.83
N ILE A 251 -42.23 7.27 7.04
CA ILE A 251 -40.99 6.52 7.18
C ILE A 251 -41.17 5.09 6.66
N PHE A 252 -42.32 4.48 6.96
CA PHE A 252 -42.60 3.12 6.48
C PHE A 252 -42.70 3.07 4.96
N PHE A 253 -43.45 4.00 4.36
CA PHE A 253 -43.60 4.01 2.90
C PHE A 253 -42.28 4.33 2.20
N CYS A 254 -41.50 5.27 2.77
CA CYS A 254 -40.20 5.61 2.21
C CYS A 254 -39.24 4.43 2.29
N ASN A 255 -39.27 3.69 3.41
CA ASN A 255 -38.44 2.50 3.54
C ASN A 255 -38.81 1.44 2.52
N ILE A 256 -40.10 1.19 2.32
CA ILE A 256 -40.54 0.19 1.35
C ILE A 256 -40.11 0.58 -0.06
N TYR A 257 -40.35 1.85 -0.43
CA TYR A 257 -40.02 2.30 -1.79
C TYR A 257 -38.52 2.31 -2.04
N VAL A 258 -37.72 2.70 -1.04
CA VAL A 258 -36.27 2.69 -1.19
C VAL A 258 -35.75 1.26 -1.27
N SER A 259 -36.36 0.32 -0.55
CA SER A 259 -35.97 -1.09 -0.67
C SER A 259 -36.26 -1.64 -2.07
N ILE A 260 -37.42 -1.26 -2.64
CA ILE A 260 -37.73 -1.69 -4.01
C ILE A 260 -36.72 -1.12 -5.00
N LEU A 261 -36.41 0.16 -4.85
CA LEU A 261 -35.45 0.79 -5.76
C LEU A 261 -34.03 0.27 -5.53
N PHE A 262 -33.74 -0.20 -4.32
CA PHE A 262 -32.43 -0.78 -4.03
C PHE A 262 -32.27 -2.12 -4.72
N LEU A 263 -33.32 -2.95 -4.71
CA LEU A 263 -33.27 -4.19 -5.47
C LEU A 263 -33.19 -3.91 -6.97
N CYS A 264 -33.85 -2.84 -7.43
CA CYS A 264 -33.78 -2.47 -8.84
C CYS A 264 -32.37 -2.05 -9.26
N CYS A 265 -31.71 -1.23 -8.45
CA CYS A 265 -30.37 -0.78 -8.83
C CYS A 265 -29.34 -1.88 -8.63
N ILE A 266 -29.60 -2.82 -7.70
CA ILE A 266 -28.76 -4.02 -7.60
C ILE A 266 -28.87 -4.85 -8.87
N SER A 267 -30.08 -5.00 -9.40
CA SER A 267 -30.28 -5.70 -10.67
C SER A 267 -29.60 -4.98 -11.83
N CYS A 268 -29.66 -3.64 -11.83
CA CYS A 268 -28.97 -2.85 -12.84
C CYS A 268 -27.46 -3.05 -12.78
N ASP A 269 -26.90 -3.09 -11.56
CA ASP A 269 -25.48 -3.36 -11.39
C ASP A 269 -25.13 -4.76 -11.88
N ARG A 270 -25.99 -5.75 -11.60
CA ARG A 270 -25.79 -7.11 -12.07
C ARG A 270 -25.75 -7.16 -13.59
N PHE A 271 -26.68 -6.46 -14.24
CA PHE A 271 -26.77 -6.42 -15.68
C PHE A 271 -25.54 -5.77 -16.30
N VAL A 272 -25.13 -4.62 -15.77
CA VAL A 272 -23.98 -3.90 -16.31
C VAL A 272 -22.70 -4.69 -16.09
N ALA A 273 -22.56 -5.34 -14.93
CA ALA A 273 -21.37 -6.13 -14.66
C ALA A 273 -21.30 -7.41 -15.49
N VAL A 274 -22.45 -7.96 -15.90
CA VAL A 274 -22.43 -9.23 -16.61
C VAL A 274 -22.33 -9.02 -18.12
N VAL A 275 -23.26 -8.24 -18.71
CA VAL A 275 -23.31 -8.24 -20.17
C VAL A 275 -22.27 -7.30 -20.75
N TYR A 276 -21.82 -6.31 -19.96
CA TYR A 276 -20.94 -5.25 -20.43
C TYR A 276 -19.66 -5.24 -19.63
N ALA A 277 -19.07 -6.43 -19.43
CA ALA A 277 -17.89 -6.57 -18.59
C ALA A 277 -16.68 -5.86 -19.17
N LEU A 278 -16.66 -5.61 -20.47
CA LEU A 278 -15.61 -4.79 -21.08
C LEU A 278 -15.69 -3.36 -20.57
N GLU A 279 -16.89 -2.81 -20.46
CA GLU A 279 -17.09 -1.44 -20.03
C GLU A 279 -17.53 -1.31 -18.57
N SER A 280 -17.75 -2.42 -17.87
CA SER A 280 -18.19 -2.36 -16.48
C SER A 280 -17.08 -1.98 -15.51
N ARG A 281 -15.83 -1.93 -15.98
CA ARG A 281 -14.70 -1.52 -15.14
C ARG A 281 -14.75 -0.05 -14.77
N GLY A 282 -15.53 0.76 -15.47
CA GLY A 282 -15.67 2.16 -15.12
C GLY A 282 -16.37 2.38 -13.78
N ARG A 283 -17.30 1.49 -13.42
CA ARG A 283 -18.02 1.60 -12.16
C ARG A 283 -17.12 1.02 -11.05
N ARG A 284 -16.18 1.86 -10.61
CA ARG A 284 -15.34 1.54 -9.46
C ARG A 284 -15.08 2.80 -8.63
N ARG A 285 -15.95 3.79 -8.69
CA ARG A 285 -15.70 5.06 -8.02
C ARG A 285 -15.81 4.95 -6.51
N ARG A 286 -16.55 3.95 -6.00
CA ARG A 286 -16.90 3.66 -4.61
C ARG A 286 -17.84 4.71 -4.02
N ARG A 287 -18.18 5.77 -4.76
CA ARG A 287 -19.07 6.81 -4.28
C ARG A 287 -20.17 7.17 -5.28
N THR A 288 -20.20 6.55 -6.45
CA THR A 288 -21.31 6.77 -7.36
C THR A 288 -22.55 5.98 -6.93
N ALA A 289 -22.35 4.85 -6.24
CA ALA A 289 -23.46 4.05 -5.77
C ALA A 289 -24.23 4.77 -4.66
N ILE A 290 -23.50 5.36 -3.71
CA ILE A 290 -24.15 6.13 -2.67
C ILE A 290 -24.73 7.42 -3.23
N LEU A 291 -24.15 7.95 -4.32
CA LEU A 291 -24.72 9.10 -5.01
C LEU A 291 -26.07 8.75 -5.62
N ILE A 292 -26.15 7.60 -6.28
CA ILE A 292 -27.41 7.16 -6.89
C ILE A 292 -28.45 6.88 -5.80
N SER A 293 -28.02 6.25 -4.69
CA SER A 293 -28.94 5.98 -3.59
C SER A 293 -29.45 7.27 -2.95
N ALA A 294 -28.58 8.27 -2.78
CA ALA A 294 -29.00 9.55 -2.23
C ALA A 294 -29.95 10.27 -3.18
N CYS A 295 -29.71 10.17 -4.49
CA CYS A 295 -30.62 10.75 -5.47
C CYS A 295 -32.00 10.09 -5.40
N ILE A 296 -32.03 8.77 -5.24
CA ILE A 296 -33.30 8.05 -5.10
C ILE A 296 -34.01 8.44 -3.80
N PHE A 297 -33.24 8.66 -2.73
CA PHE A 297 -33.80 9.15 -1.47
C PHE A 297 -34.46 10.52 -1.65
N ILE A 298 -33.79 11.41 -2.38
CA ILE A 298 -34.36 12.73 -2.65
C ILE A 298 -35.62 12.61 -3.50
N LEU A 299 -35.60 11.73 -4.52
CA LEU A 299 -36.77 11.56 -5.38
C LEU A 299 -37.97 11.02 -4.60
N VAL A 300 -37.76 10.04 -3.73
CA VAL A 300 -38.89 9.47 -3.00
C VAL A 300 -39.40 10.46 -1.94
N GLY A 301 -38.50 11.27 -1.37
CA GLY A 301 -38.95 12.31 -0.44
C GLY A 301 -39.78 13.38 -1.10
N ILE A 302 -39.33 13.89 -2.25
CA ILE A 302 -40.07 14.96 -2.93
C ILE A 302 -41.24 14.39 -3.74
N VAL A 303 -41.35 13.07 -3.86
CA VAL A 303 -42.58 12.50 -4.40
C VAL A 303 -43.61 12.27 -3.30
N HIS A 304 -43.19 11.81 -2.12
CA HIS A 304 -44.12 11.56 -1.03
C HIS A 304 -44.59 12.82 -0.30
N TYR A 305 -43.79 13.89 -0.30
CA TYR A 305 -44.22 15.11 0.39
C TYR A 305 -45.47 15.81 -0.19
N PRO A 306 -45.71 15.90 -1.51
CA PRO A 306 -46.98 16.50 -1.96
C PRO A 306 -48.22 15.74 -1.55
N VAL A 307 -48.09 14.45 -1.20
CA VAL A 307 -49.20 13.75 -0.55
C VAL A 307 -49.51 14.42 0.80
N PHE A 308 -48.47 14.75 1.56
CA PHE A 308 -48.66 15.47 2.82
C PHE A 308 -49.21 16.87 2.59
N GLN A 309 -48.77 17.52 1.51
CA GLN A 309 -49.28 18.85 1.18
C GLN A 309 -50.77 18.80 0.84
N THR A 310 -51.19 17.77 0.11
CA THR A 310 -52.61 17.59 -0.15
C THR A 310 -53.36 17.09 1.09
N GLU A 311 -52.70 16.28 1.92
CA GLU A 311 -53.29 15.80 3.15
C GLU A 311 -53.05 16.80 4.29
N ASP A 312 -53.70 17.95 4.17
CA ASP A 312 -53.75 18.91 5.24
C ASP A 312 -54.90 18.63 6.20
N LYS A 313 -55.62 17.53 5.97
CA LYS A 313 -56.65 17.04 6.89
C LYS A 313 -55.98 16.25 8.03
N GLU A 314 -55.30 16.99 8.90
CA GLU A 314 -54.66 16.38 10.06
C GLU A 314 -55.66 15.91 11.10
N THR A 315 -56.92 16.28 10.97
CA THR A 315 -57.98 15.69 11.80
C THR A 315 -58.23 14.25 11.33
N CYS A 316 -58.92 13.47 12.17
CA CYS A 316 -59.09 12.04 11.95
C CYS A 316 -59.91 11.72 10.71
N PHE A 317 -59.22 11.26 9.66
CA PHE A 317 -59.85 10.81 8.42
C PHE A 317 -59.07 9.62 7.86
N ASP A 318 -59.80 8.67 7.29
CA ASP A 318 -59.20 7.45 6.78
C ASP A 318 -58.33 7.71 5.56
N MET A 319 -57.20 7.01 5.46
CA MET A 319 -56.31 7.16 4.33
C MET A 319 -56.47 6.06 3.29
N LEU A 320 -57.41 5.15 3.47
CA LEU A 320 -57.70 4.11 2.47
C LEU A 320 -58.95 4.44 1.67
N GLN A 321 -60.08 4.62 2.34
CA GLN A 321 -61.36 4.87 1.68
C GLN A 321 -61.71 6.36 1.66
N MET A 322 -60.83 7.16 1.07
CA MET A 322 -61.06 8.58 0.94
C MET A 322 -61.65 8.89 -0.44
N ASP A 323 -61.77 10.19 -0.74
CA ASP A 323 -62.46 10.65 -1.94
C ASP A 323 -61.54 10.53 -3.16
N SER A 324 -62.05 11.01 -4.31
CA SER A 324 -61.46 10.68 -5.60
C SER A 324 -60.08 11.31 -5.81
N ARG A 325 -59.82 12.45 -5.19
CA ARG A 325 -58.60 13.20 -5.50
C ARG A 325 -57.36 12.58 -4.84
N ILE A 326 -57.40 12.39 -3.52
CA ILE A 326 -56.29 11.77 -2.81
C ILE A 326 -56.15 10.30 -3.22
N ALA A 327 -57.27 9.65 -3.57
CA ALA A 327 -57.20 8.31 -4.14
C ALA A 327 -56.54 8.32 -5.51
N GLY A 328 -56.72 9.39 -6.28
CA GLY A 328 -56.00 9.53 -7.53
C GLY A 328 -54.51 9.73 -7.34
N TYR A 329 -54.13 10.51 -6.32
CA TYR A 329 -52.73 10.63 -5.93
C TYR A 329 -52.14 9.28 -5.54
N TYR A 330 -52.91 8.50 -4.78
CA TYR A 330 -52.51 7.15 -4.38
C TYR A 330 -52.38 6.25 -5.60
N TYR A 331 -53.31 6.37 -6.55
CA TYR A 331 -53.27 5.60 -7.79
C TYR A 331 -52.01 5.90 -8.59
N ALA A 332 -51.68 7.20 -8.72
CA ALA A 332 -50.50 7.60 -9.47
C ALA A 332 -49.23 7.08 -8.81
N ARG A 333 -49.11 7.26 -7.49
CA ARG A 333 -47.89 6.85 -6.79
C ARG A 333 -47.75 5.34 -6.77
N PHE A 334 -48.84 4.62 -6.49
CA PHE A 334 -48.79 3.16 -6.48
C PHE A 334 -48.53 2.59 -7.87
N THR A 335 -49.17 3.13 -8.91
CA THR A 335 -48.96 2.64 -10.27
C THR A 335 -47.53 2.88 -10.73
N VAL A 336 -46.96 4.04 -10.39
CA VAL A 336 -45.55 4.28 -10.69
C VAL A 336 -44.63 3.35 -9.89
N GLY A 337 -44.96 3.08 -8.64
CA GLY A 337 -44.15 2.17 -7.85
C GLY A 337 -44.35 0.70 -8.15
N PHE A 338 -45.37 0.37 -8.95
CA PHE A 338 -45.57 -1.01 -9.34
C PHE A 338 -45.06 -1.30 -10.75
N ALA A 339 -45.42 -0.45 -11.72
CA ALA A 339 -45.12 -0.74 -13.12
C ALA A 339 -43.63 -0.60 -13.43
N ILE A 340 -43.00 0.45 -12.90
CA ILE A 340 -41.58 0.74 -13.16
C ILE A 340 -40.66 -0.37 -12.64
N PRO A 341 -40.67 -0.78 -11.29
CA PRO A 341 -39.68 -1.76 -10.82
C PRO A 341 -39.71 -3.10 -11.51
N LEU A 342 -40.93 -3.56 -11.80
CA LEU A 342 -41.15 -4.77 -12.58
C LEU A 342 -40.54 -4.61 -13.97
N SER A 343 -40.63 -3.40 -14.53
CA SER A 343 -40.08 -3.18 -15.87
C SER A 343 -38.55 -3.28 -15.87
N ILE A 344 -37.86 -2.66 -14.89
CA ILE A 344 -36.40 -2.76 -14.93
C ILE A 344 -35.95 -4.19 -14.59
N ILE A 345 -36.59 -4.84 -13.60
CA ILE A 345 -36.13 -6.18 -13.24
C ILE A 345 -36.39 -7.17 -14.36
N ALA A 346 -37.51 -7.01 -15.09
CA ALA A 346 -37.83 -7.90 -16.18
C ALA A 346 -36.91 -7.66 -17.37
N PHE A 347 -36.62 -6.39 -17.68
CA PHE A 347 -35.74 -6.08 -18.81
C PHE A 347 -34.32 -6.55 -18.55
N THR A 348 -33.80 -6.28 -17.34
CA THR A 348 -32.44 -6.70 -17.00
C THR A 348 -32.32 -8.22 -17.00
N ASN A 349 -33.29 -8.93 -16.42
CA ASN A 349 -33.19 -10.39 -16.38
C ASN A 349 -33.42 -10.99 -17.77
N HIS A 350 -34.26 -10.38 -18.61
CA HIS A 350 -34.45 -10.88 -19.96
C HIS A 350 -33.20 -10.70 -20.80
N ARG A 351 -32.52 -9.56 -20.67
CA ARG A 351 -31.31 -9.36 -21.46
C ARG A 351 -30.14 -10.18 -20.91
N ILE A 352 -30.12 -10.43 -19.59
CA ILE A 352 -29.16 -11.36 -19.01
C ILE A 352 -29.41 -12.77 -19.53
N PHE A 353 -30.69 -13.15 -19.67
CA PHE A 353 -31.04 -14.44 -20.25
C PHE A 353 -30.58 -14.54 -21.71
N ARG A 354 -30.78 -13.46 -22.47
CA ARG A 354 -30.35 -13.45 -23.87
C ARG A 354 -28.84 -13.55 -24.00
N SER A 355 -28.10 -12.86 -23.12
CA SER A 355 -26.65 -12.96 -23.13
C SER A 355 -26.17 -14.34 -22.70
N ILE A 356 -26.82 -14.94 -21.70
CA ILE A 356 -26.33 -16.19 -21.14
C ILE A 356 -26.74 -17.38 -22.01
N LYS A 357 -27.75 -17.19 -22.87
CA LYS A 357 -28.05 -18.21 -23.87
C LYS A 357 -26.99 -18.22 -24.96
N GLN A 358 -26.36 -17.07 -25.21
CA GLN A 358 -25.21 -16.97 -26.10
C GLN A 358 -23.89 -17.24 -25.39
N SER A 359 -23.87 -17.23 -24.06
CA SER A 359 -22.65 -17.43 -23.29
C SER A 359 -22.58 -18.88 -22.83
N MET A 360 -21.54 -19.61 -23.29
CA MET A 360 -21.37 -21.01 -22.95
C MET A 360 -19.98 -21.33 -22.42
N GLY A 361 -19.19 -20.32 -22.03
CA GLY A 361 -17.88 -20.58 -21.46
C GLY A 361 -17.90 -21.18 -20.07
N LEU A 362 -19.07 -21.12 -19.44
CA LEU A 362 -19.29 -21.65 -18.10
C LEU A 362 -20.10 -22.93 -18.22
N SER A 363 -20.05 -23.79 -17.21
CA SER A 363 -20.72 -25.09 -17.28
C SER A 363 -22.23 -24.94 -17.16
N ALA A 364 -22.96 -25.86 -17.81
CA ALA A 364 -24.41 -25.73 -17.95
C ALA A 364 -25.13 -25.85 -16.63
N ALA A 365 -24.58 -26.61 -15.68
CA ALA A 365 -25.18 -26.71 -14.34
C ALA A 365 -25.12 -25.37 -13.63
N GLN A 366 -23.99 -24.68 -13.72
CA GLN A 366 -23.84 -23.40 -13.05
C GLN A 366 -24.67 -22.32 -13.74
N LYS A 367 -24.79 -22.39 -15.07
CA LYS A 367 -25.64 -21.46 -15.80
C LYS A 367 -27.11 -21.65 -15.46
N ALA A 368 -27.54 -22.91 -15.38
CA ALA A 368 -28.92 -23.20 -14.97
C ALA A 368 -29.15 -22.77 -13.52
N LYS A 369 -28.15 -22.90 -12.66
CA LYS A 369 -28.29 -22.47 -11.27
C LYS A 369 -28.40 -20.96 -11.15
N VAL A 370 -27.60 -20.21 -11.93
CA VAL A 370 -27.67 -18.75 -11.83
C VAL A 370 -28.96 -18.22 -12.45
N LYS A 371 -29.42 -18.85 -13.54
CA LYS A 371 -30.74 -18.51 -14.09
C LYS A 371 -31.86 -18.82 -13.10
N HIS A 372 -31.75 -19.95 -12.40
CA HIS A 372 -32.75 -20.32 -11.41
C HIS A 372 -32.74 -19.38 -10.22
N SER A 373 -31.55 -18.91 -9.82
CA SER A 373 -31.46 -17.96 -8.71
C SER A 373 -32.05 -16.60 -9.09
N ALA A 374 -31.82 -16.18 -10.34
CA ALA A 374 -32.38 -14.91 -10.80
C ALA A 374 -33.91 -14.98 -10.90
N ILE A 375 -34.43 -16.03 -11.54
CA ILE A 375 -35.88 -16.17 -11.64
C ILE A 375 -36.50 -16.45 -10.27
N ALA A 376 -35.72 -17.03 -9.35
CA ALA A 376 -36.21 -17.31 -8.01
C ALA A 376 -36.34 -16.04 -7.20
N VAL A 377 -35.35 -15.13 -7.27
CA VAL A 377 -35.46 -13.88 -6.51
C VAL A 377 -36.56 -12.99 -7.11
N VAL A 378 -36.74 -13.03 -8.44
CA VAL A 378 -37.83 -12.26 -9.07
C VAL A 378 -39.19 -12.81 -8.63
N VAL A 379 -39.35 -14.14 -8.69
CA VAL A 379 -40.63 -14.77 -8.34
C VAL A 379 -40.91 -14.61 -6.85
N ILE A 380 -39.86 -14.68 -6.01
CA ILE A 380 -40.02 -14.49 -4.56
C ILE A 380 -40.50 -13.07 -4.26
N PHE A 381 -39.90 -12.07 -4.93
CA PHE A 381 -40.35 -10.69 -4.75
C PHE A 381 -41.78 -10.49 -5.22
N LEU A 382 -42.12 -11.07 -6.37
CA LEU A 382 -43.46 -10.92 -6.94
C LEU A 382 -44.51 -11.57 -6.04
N VAL A 383 -44.24 -12.78 -5.54
CA VAL A 383 -45.24 -13.47 -4.73
C VAL A 383 -45.27 -12.89 -3.32
N CYS A 384 -44.18 -12.26 -2.89
CA CYS A 384 -44.15 -11.65 -1.57
C CYS A 384 -44.90 -10.33 -1.53
N PHE A 385 -44.96 -9.61 -2.65
CA PHE A 385 -45.66 -8.33 -2.65
C PHE A 385 -46.88 -8.29 -3.58
N ALA A 386 -47.27 -9.42 -4.17
CA ALA A 386 -48.37 -9.45 -5.13
C ALA A 386 -49.76 -9.13 -4.57
N PRO A 387 -50.23 -9.67 -3.42
CA PRO A 387 -51.60 -9.36 -3.00
C PRO A 387 -51.84 -7.89 -2.68
N TYR A 388 -50.83 -7.20 -2.15
CA TYR A 388 -50.93 -5.75 -1.97
C TYR A 388 -51.07 -5.04 -3.30
N HIS A 389 -50.30 -5.46 -4.31
CA HIS A 389 -50.40 -4.88 -5.65
C HIS A 389 -51.80 -5.08 -6.23
N LEU A 390 -52.36 -6.28 -6.06
CA LEU A 390 -53.67 -6.58 -6.61
C LEU A 390 -54.76 -5.78 -5.91
N VAL A 391 -54.73 -5.68 -4.58
CA VAL A 391 -55.81 -4.96 -3.88
C VAL A 391 -55.72 -3.46 -4.14
N LEU A 392 -54.49 -2.93 -4.26
CA LEU A 392 -54.35 -1.50 -4.54
C LEU A 392 -54.75 -1.19 -5.98
N LEU A 393 -54.46 -2.11 -6.91
CA LEU A 393 -54.91 -1.93 -8.29
C LEU A 393 -56.42 -2.03 -8.40
N VAL A 394 -57.06 -2.93 -7.64
CA VAL A 394 -58.53 -3.03 -7.66
C VAL A 394 -59.17 -1.78 -7.08
N LYS A 395 -58.61 -1.26 -5.98
CA LYS A 395 -59.10 -0.01 -5.40
C LYS A 395 -58.92 1.16 -6.37
N ALA A 396 -57.77 1.23 -7.04
CA ALA A 396 -57.51 2.30 -7.97
C ALA A 396 -58.38 2.20 -9.22
N ALA A 397 -58.66 0.97 -9.66
CA ALA A 397 -59.56 0.76 -10.80
C ALA A 397 -60.98 1.18 -10.44
N ALA A 398 -61.43 0.84 -9.23
CA ALA A 398 -62.76 1.26 -8.78
C ALA A 398 -62.85 2.77 -8.66
N PHE A 399 -61.78 3.42 -8.18
CA PHE A 399 -61.77 4.87 -8.10
C PHE A 399 -61.73 5.52 -9.48
N SER A 400 -61.08 4.85 -10.44
CA SER A 400 -60.97 5.39 -11.79
C SER A 400 -62.30 5.37 -12.53
N TYR A 401 -63.28 4.61 -12.05
CA TYR A 401 -64.64 4.68 -12.60
C TYR A 401 -65.39 5.83 -11.91
N TYR A 402 -64.98 7.06 -12.26
CA TYR A 402 -65.50 8.25 -11.60
C TYR A 402 -66.98 8.45 -11.90
N ARG A 403 -67.44 7.97 -13.06
CA ARG A 403 -68.86 8.00 -13.37
C ARG A 403 -69.66 7.11 -12.42
N GLY A 404 -69.12 5.94 -12.07
CA GLY A 404 -69.78 5.06 -11.14
C GLY A 404 -69.08 3.72 -10.97
N ASP A 405 -68.97 3.26 -9.73
CA ASP A 405 -68.32 1.99 -9.45
C ASP A 405 -69.25 0.83 -9.74
N ARG A 406 -68.65 -0.33 -10.05
CA ARG A 406 -69.43 -1.51 -10.42
C ARG A 406 -70.19 -2.05 -9.22
N ASN A 407 -69.58 -2.02 -8.04
CA ASN A 407 -70.24 -2.40 -6.80
C ASN A 407 -70.24 -1.22 -5.84
N ALA A 408 -70.90 -1.40 -4.70
CA ALA A 408 -71.02 -0.33 -3.72
C ALA A 408 -69.67 -0.01 -3.10
N MET A 409 -69.51 1.24 -2.66
CA MET A 409 -68.26 1.68 -2.01
C MET A 409 -68.09 0.92 -0.69
N CYS A 410 -69.19 0.74 0.06
CA CYS A 410 -69.11 -0.02 1.31
C CYS A 410 -68.76 -1.48 1.06
N GLY A 411 -69.31 -2.07 -0.01
CA GLY A 411 -69.01 -3.45 -0.33
C GLY A 411 -67.57 -3.67 -0.76
N LEU A 412 -67.02 -2.73 -1.52
CA LEU A 412 -65.61 -2.80 -1.93
C LEU A 412 -64.77 -2.07 -0.88
N GLU A 413 -63.51 -1.77 -1.24
CA GLU A 413 -62.48 -1.22 -0.36
C GLU A 413 -62.20 -2.14 0.82
N GLU A 414 -62.18 -3.45 0.55
CA GLU A 414 -61.90 -4.51 1.53
C GLU A 414 -62.87 -4.44 2.71
N ARG A 415 -64.15 -4.67 2.43
CA ARG A 415 -65.17 -4.64 3.47
C ARG A 415 -64.92 -5.72 4.51
N LEU A 416 -64.49 -6.89 4.08
CA LEU A 416 -63.96 -7.91 4.98
C LEU A 416 -62.56 -7.46 5.41
N TYR A 417 -62.53 -6.53 6.36
CA TYR A 417 -61.24 -5.94 6.83
C TYR A 417 -60.34 -6.99 7.50
N THR A 418 -60.94 -8.05 8.05
CA THR A 418 -60.11 -9.11 8.62
C THR A 418 -59.15 -9.67 7.57
N ALA A 419 -59.64 -9.89 6.35
CA ALA A 419 -58.80 -10.33 5.25
C ALA A 419 -57.75 -9.28 4.92
N SER A 420 -58.13 -8.00 4.96
CA SER A 420 -57.18 -6.93 4.66
C SER A 420 -56.07 -6.85 5.70
N VAL A 421 -56.40 -6.99 6.99
CA VAL A 421 -55.37 -6.86 8.00
C VAL A 421 -54.49 -8.10 8.06
N VAL A 422 -55.03 -9.29 7.73
CA VAL A 422 -54.14 -10.45 7.69
C VAL A 422 -53.27 -10.42 6.43
N PHE A 423 -53.77 -9.83 5.34
CA PHE A 423 -52.94 -9.65 4.15
C PHE A 423 -51.84 -8.62 4.40
N LEU A 424 -52.15 -7.56 5.17
CA LEU A 424 -51.15 -6.59 5.56
C LEU A 424 -50.09 -7.21 6.46
N CYS A 425 -50.53 -8.07 7.40
CA CYS A 425 -49.58 -8.78 8.26
C CYS A 425 -48.68 -9.70 7.45
N LEU A 426 -49.25 -10.44 6.49
CA LEU A 426 -48.45 -11.35 5.67
C LEU A 426 -47.49 -10.59 4.76
N SER A 427 -47.93 -9.45 4.23
CA SER A 427 -47.05 -8.64 3.38
C SER A 427 -45.93 -8.01 4.20
N THR A 428 -46.21 -7.65 5.47
CA THR A 428 -45.17 -7.14 6.35
C THR A 428 -44.18 -8.24 6.72
N VAL A 429 -44.68 -9.47 6.93
CA VAL A 429 -43.81 -10.60 7.21
C VAL A 429 -42.91 -10.89 6.00
N ASN A 430 -43.48 -10.80 4.80
CA ASN A 430 -42.68 -10.92 3.59
C ASN A 430 -41.69 -9.77 3.45
N GLY A 431 -42.04 -8.60 3.97
CA GLY A 431 -41.15 -7.45 3.97
C GLY A 431 -40.19 -7.38 5.14
N VAL A 432 -40.43 -8.15 6.20
CA VAL A 432 -39.48 -8.22 7.30
C VAL A 432 -38.50 -9.35 6.98
N ALA A 433 -37.34 -9.31 7.63
CA ALA A 433 -36.20 -10.21 7.38
C ALA A 433 -35.76 -10.17 5.93
N ASP A 434 -35.68 -8.97 5.36
CA ASP A 434 -35.16 -8.78 4.01
C ASP A 434 -33.71 -9.26 3.81
N PRO A 435 -32.75 -9.05 4.73
CA PRO A 435 -31.46 -9.74 4.57
C PRO A 435 -31.57 -11.26 4.61
N ILE A 436 -32.50 -11.81 5.39
CA ILE A 436 -32.69 -13.26 5.41
C ILE A 436 -33.22 -13.75 4.07
N ILE A 437 -34.13 -12.98 3.46
CA ILE A 437 -34.63 -13.30 2.12
C ILE A 437 -33.51 -13.20 1.09
N TYR A 438 -32.65 -12.19 1.22
CA TYR A 438 -31.52 -12.04 0.30
C TYR A 438 -30.54 -13.19 0.43
N VAL A 439 -30.26 -13.64 1.66
CA VAL A 439 -29.38 -14.78 1.87
C VAL A 439 -30.00 -16.05 1.31
N LEU A 440 -31.30 -16.25 1.54
CA LEU A 440 -31.98 -17.46 1.07
C LEU A 440 -32.06 -17.52 -0.45
N ALA A 441 -32.28 -16.39 -1.10
CA ALA A 441 -32.43 -16.37 -2.56
C ALA A 441 -31.11 -16.67 -3.25
N THR A 442 -30.01 -16.14 -2.73
CA THR A 442 -28.71 -16.36 -3.35
C THR A 442 -28.24 -17.81 -3.18
N ASP A 443 -28.38 -18.37 -1.98
CA ASP A 443 -27.95 -19.74 -1.73
C ASP A 443 -28.65 -20.29 -0.50
N HIS A 444 -29.06 -21.56 -0.56
CA HIS A 444 -29.77 -22.16 0.56
C HIS A 444 -28.84 -22.75 1.60
N SER A 445 -27.56 -22.95 1.27
CA SER A 445 -26.60 -23.55 2.20
C SER A 445 -25.21 -23.02 1.87
N ARG A 446 -24.68 -22.15 2.74
CA ARG A 446 -23.39 -21.51 2.55
C ARG A 446 -22.51 -21.73 3.78
N GLN A 447 -21.21 -21.87 3.54
CA GLN A 447 -20.23 -22.02 4.62
C GLN A 447 -19.97 -20.74 5.38
N GLU A 448 -20.38 -19.57 4.86
CA GLU A 448 -20.18 -18.32 5.57
C GLU A 448 -21.03 -18.26 6.84
N VAL A 449 -22.20 -18.91 6.83
CA VAL A 449 -23.02 -19.04 8.04
C VAL A 449 -22.28 -19.86 9.09
N SER A 450 -21.60 -20.94 8.67
CA SER A 450 -20.79 -21.73 9.60
C SER A 450 -19.61 -20.93 10.14
N ARG A 451 -18.99 -20.10 9.29
CA ARG A 451 -17.89 -19.25 9.73
C ARG A 451 -18.36 -18.22 10.75
N ILE A 452 -19.54 -17.64 10.53
CA ILE A 452 -20.10 -16.68 11.48
C ILE A 452 -20.46 -17.36 12.79
N HIS A 453 -20.96 -18.60 12.72
CA HIS A 453 -21.23 -19.38 13.93
C HIS A 453 -19.95 -19.66 14.70
N LYS A 454 -18.87 -20.00 13.99
CA LYS A 454 -17.58 -20.23 14.65
C LYS A 454 -17.04 -18.95 15.28
N GLY A 455 -17.22 -17.81 14.62
CA GLY A 455 -16.80 -16.54 15.20
C GLY A 455 -17.60 -16.15 16.43
N TRP A 456 -18.92 -16.41 16.40
CA TRP A 456 -19.76 -16.18 17.58
C TRP A 456 -19.37 -17.09 18.73
N LYS A 457 -19.05 -18.36 18.44
CA LYS A 457 -18.58 -19.26 19.48
C LYS A 457 -17.22 -18.82 20.02
N GLU A 458 -16.39 -18.21 19.17
CA GLU A 458 -15.11 -17.67 19.63
C GLU A 458 -15.31 -16.50 20.57
N TRP A 459 -16.19 -15.57 20.21
CA TRP A 459 -16.41 -14.39 21.05
C TRP A 459 -17.22 -14.71 22.30
N SER A 460 -18.06 -15.74 22.26
CA SER A 460 -18.97 -15.99 23.38
C SER A 460 -18.29 -16.79 24.49
N MET A 461 -17.61 -17.89 24.13
CA MET A 461 -16.98 -18.83 25.06
C MET A 461 -17.98 -19.37 26.09
N LYS A 462 -19.02 -20.03 25.57
CA LYS A 462 -20.00 -20.72 26.39
C LYS A 462 -19.90 -22.23 26.24
N THR A 463 -18.72 -22.74 25.89
CA THR A 463 -18.56 -24.17 25.61
C THR A 463 -18.78 -25.02 26.85
N ASP A 464 -18.21 -24.59 27.99
CA ASP A 464 -18.32 -25.26 29.29
C ASP A 464 -17.91 -26.72 29.22
N VAL A 465 -16.73 -26.97 28.64
CA VAL A 465 -16.18 -28.30 28.53
C VAL A 465 -14.95 -28.49 29.41
N THR A 466 -14.15 -27.43 29.58
CA THR A 466 -13.00 -27.52 30.48
C THR A 466 -13.45 -27.46 31.93
N ARG A 467 -14.44 -26.61 32.22
CA ARG A 467 -15.01 -26.54 33.57
C ARG A 467 -15.71 -27.85 33.94
N LEU A 468 -16.43 -28.44 32.99
CA LEU A 468 -17.10 -29.70 33.25
C LEU A 468 -16.10 -30.85 33.42
N THR A 469 -15.03 -30.84 32.61
CA THR A 469 -13.96 -31.81 32.74
C THR A 469 -13.28 -31.69 34.10
N HIS A 470 -13.04 -30.45 34.55
CA HIS A 470 -12.49 -30.22 35.88
C HIS A 470 -13.43 -30.71 36.97
N SER A 471 -14.73 -30.44 36.82
CA SER A 471 -15.70 -30.85 37.84
C SER A 471 -15.81 -32.37 37.92
N ARG A 472 -15.64 -33.07 36.81
CA ARG A 472 -15.72 -34.52 36.85
C ARG A 472 -14.41 -35.19 37.25
N ASP A 473 -13.26 -34.57 36.99
CA ASP A 473 -11.98 -35.23 37.24
C ASP A 473 -11.29 -34.80 38.53
N THR A 474 -11.48 -33.56 39.00
CA THR A 474 -10.70 -33.06 40.13
C THR A 474 -11.14 -33.71 41.43
N GLU A 475 -12.39 -34.19 41.51
CA GLU A 475 -12.88 -34.83 42.72
C GLU A 475 -12.10 -36.08 43.06
N GLU A 476 -11.98 -37.00 42.10
CA GLU A 476 -11.23 -38.27 42.20
C GLU A 476 -11.62 -39.11 43.42
N LEU B 5 3.88 23.41 14.21
CA LEU B 5 2.57 23.92 13.81
C LEU B 5 2.71 25.32 13.21
N SER B 6 3.19 25.37 11.97
CA SER B 6 3.40 26.64 11.28
C SER B 6 3.18 26.42 9.79
N ALA B 7 3.68 27.35 8.98
CA ALA B 7 3.51 27.27 7.53
C ALA B 7 4.28 26.09 6.94
N GLU B 8 5.38 25.69 7.57
CA GLU B 8 6.16 24.55 7.10
C GLU B 8 5.37 23.25 7.23
N ASP B 9 4.65 23.09 8.34
CA ASP B 9 3.84 21.88 8.53
C ASP B 9 2.67 21.83 7.55
N LYS B 10 2.05 22.99 7.29
CA LYS B 10 0.95 23.03 6.31
C LYS B 10 1.46 22.74 4.90
N ALA B 11 2.66 23.25 4.56
CA ALA B 11 3.25 22.95 3.26
C ALA B 11 3.62 21.48 3.13
N ALA B 12 4.12 20.88 4.22
CA ALA B 12 4.42 19.45 4.21
C ALA B 12 3.15 18.61 4.05
N VAL B 13 2.07 19.02 4.72
CA VAL B 13 0.77 18.34 4.59
C VAL B 13 0.25 18.45 3.15
N GLU B 14 0.37 19.63 2.54
CA GLU B 14 -0.06 19.83 1.17
C GLU B 14 0.76 18.99 0.19
N ARG B 15 2.08 18.93 0.39
CA ARG B 15 2.94 18.14 -0.48
C ARG B 15 2.64 16.65 -0.34
N SER B 16 2.38 16.18 0.88
CA SER B 16 2.03 14.79 1.09
C SER B 16 0.68 14.45 0.47
N LYS B 17 -0.28 15.37 0.56
CA LYS B 17 -1.58 15.16 -0.08
C LYS B 17 -1.45 15.10 -1.60
N MET B 18 -0.60 15.96 -2.18
CA MET B 18 -0.40 15.95 -3.62
C MET B 18 0.29 14.67 -4.08
N ILE B 19 1.26 14.19 -3.31
CA ILE B 19 1.95 12.94 -3.64
C ILE B 19 0.99 11.76 -3.51
N ASP B 20 0.10 11.79 -2.51
CA ASP B 20 -0.92 10.76 -2.37
C ASP B 20 -1.90 10.76 -3.54
N ARG B 21 -2.29 11.95 -4.01
CA ARG B 21 -3.18 12.04 -5.17
C ARG B 21 -2.51 11.52 -6.43
N ASN B 22 -1.23 11.86 -6.63
CA ASN B 22 -0.49 11.36 -7.80
C ASN B 22 -0.30 9.85 -7.72
N LEU B 23 -0.08 9.33 -6.51
CA LEU B 23 0.05 7.89 -6.31
C LEU B 23 -1.25 7.16 -6.64
N ARG B 24 -2.39 7.72 -6.20
CA ARG B 24 -3.67 7.08 -6.48
C ARG B 24 -4.00 7.15 -7.97
N GLU B 25 -3.58 8.23 -8.64
CA GLU B 25 -3.81 8.34 -10.08
C GLU B 25 -2.97 7.33 -10.84
N ASP B 26 -1.70 7.17 -10.43
CA ASP B 26 -0.81 6.20 -11.06
C ASP B 26 -1.30 4.77 -10.83
N GLY B 27 -1.82 4.48 -9.64
CA GLY B 27 -2.38 3.17 -9.38
C GLY B 27 -3.62 2.88 -10.19
N GLU B 28 -4.52 3.86 -10.30
CA GLU B 28 -5.71 3.69 -11.13
C GLU B 28 -5.37 3.51 -12.60
N LYS B 29 -4.34 4.22 -13.07
CA LYS B 29 -3.91 4.07 -14.46
C LYS B 29 -3.23 2.72 -14.69
N ALA B 30 -2.45 2.24 -13.72
CA ALA B 30 -1.71 1.00 -13.90
C ALA B 30 -2.52 -0.24 -13.61
N ALA B 31 -3.71 -0.10 -13.01
CA ALA B 31 -4.54 -1.28 -12.73
C ALA B 31 -5.16 -1.87 -13.98
N ARG B 32 -5.14 -1.15 -15.10
CA ARG B 32 -5.84 -1.60 -16.31
C ARG B 32 -5.10 -2.73 -17.02
N GLU B 33 -3.78 -2.83 -16.84
CA GLU B 33 -2.98 -3.79 -17.59
C GLU B 33 -3.27 -5.21 -17.14
N VAL B 34 -3.13 -6.16 -18.07
CA VAL B 34 -3.31 -7.57 -17.79
C VAL B 34 -1.95 -8.21 -17.59
N LYS B 35 -1.89 -9.19 -16.70
CA LYS B 35 -0.64 -9.82 -16.30
C LYS B 35 -0.54 -11.22 -16.91
N LEU B 36 0.47 -11.40 -17.76
CA LEU B 36 0.75 -12.69 -18.40
C LEU B 36 2.19 -13.06 -18.06
N LEU B 37 2.41 -14.32 -17.70
CA LEU B 37 3.74 -14.82 -17.36
C LEU B 37 4.12 -15.93 -18.33
N LEU B 38 5.11 -15.67 -19.19
CA LEU B 38 5.56 -16.64 -20.16
C LEU B 38 6.61 -17.55 -19.55
N LEU B 39 6.48 -18.86 -19.81
CA LEU B 39 7.37 -19.87 -19.26
C LEU B 39 8.01 -20.68 -20.38
N GLY B 40 8.49 -19.99 -21.41
CA GLY B 40 9.18 -20.62 -22.53
C GLY B 40 10.44 -21.35 -22.13
N ALA B 41 10.63 -22.55 -22.65
CA ALA B 41 11.71 -23.44 -22.22
C ALA B 41 12.61 -23.77 -23.40
N GLY B 42 13.77 -23.11 -23.45
CA GLY B 42 14.76 -23.41 -24.49
C GLY B 42 14.26 -23.02 -25.87
N GLU B 43 14.33 -23.96 -26.80
CA GLU B 43 13.81 -23.78 -28.16
C GLU B 43 12.32 -24.11 -28.20
N SER B 44 11.56 -23.38 -27.38
CA SER B 44 10.11 -23.54 -27.30
C SER B 44 9.37 -22.52 -28.15
N GLY B 45 10.00 -22.02 -29.20
CA GLY B 45 9.38 -21.03 -30.06
C GLY B 45 9.14 -19.70 -29.39
N LYS B 46 10.09 -19.24 -28.58
CA LYS B 46 9.97 -17.92 -27.96
C LYS B 46 10.04 -16.82 -29.01
N SER B 47 10.98 -16.94 -29.96
CA SER B 47 11.06 -15.97 -31.04
C SER B 47 9.82 -16.01 -31.92
N THR B 48 9.31 -17.21 -32.19
CA THR B 48 8.11 -17.34 -33.02
C THR B 48 6.90 -16.73 -32.33
N ILE B 49 6.73 -16.95 -31.02
CA ILE B 49 5.55 -16.42 -30.34
C ILE B 49 5.66 -14.90 -30.19
N VAL B 50 6.86 -14.36 -29.95
CA VAL B 50 6.97 -12.91 -29.84
C VAL B 50 6.82 -12.24 -31.20
N LYS B 51 7.13 -12.97 -32.28
CA LYS B 51 6.80 -12.46 -33.60
C LYS B 51 5.29 -12.53 -33.85
N GLN B 52 4.62 -13.53 -33.28
CA GLN B 52 3.20 -13.70 -33.55
C GLN B 52 2.34 -12.67 -32.81
N MET B 53 2.76 -12.26 -31.60
CA MET B 53 1.92 -11.23 -30.97
C MET B 53 2.15 -9.84 -31.55
N LYS B 54 3.21 -9.67 -32.33
CA LYS B 54 3.51 -8.37 -32.90
C LYS B 54 3.69 -8.52 -34.39
N THR B 182 20.00 -8.71 -19.92
CA THR B 182 20.61 -9.80 -19.16
C THR B 182 19.65 -10.36 -18.13
N GLY B 183 18.66 -9.54 -17.74
CA GLY B 183 17.63 -9.94 -16.82
C GLY B 183 16.36 -10.35 -17.54
N ILE B 184 15.23 -10.12 -16.87
CA ILE B 184 13.95 -10.40 -17.49
C ILE B 184 13.65 -9.35 -18.57
N VAL B 185 12.76 -9.72 -19.49
CA VAL B 185 12.39 -8.86 -20.60
C VAL B 185 10.91 -8.52 -20.49
N GLU B 186 10.60 -7.24 -20.40
CA GLU B 186 9.22 -6.78 -20.31
C GLU B 186 8.75 -6.34 -21.69
N THR B 187 7.62 -6.89 -22.13
CA THR B 187 7.03 -6.50 -23.40
C THR B 187 5.59 -6.08 -23.18
N HIS B 188 5.12 -5.16 -24.02
CA HIS B 188 3.76 -4.66 -23.95
C HIS B 188 3.16 -4.64 -25.35
N PHE B 189 1.87 -4.95 -25.45
CA PHE B 189 1.18 -4.86 -26.73
C PHE B 189 -0.29 -4.55 -26.50
N THR B 190 -0.99 -4.24 -27.58
CA THR B 190 -2.39 -3.81 -27.54
C THR B 190 -3.24 -4.78 -28.36
N PHE B 191 -4.36 -5.21 -27.79
CA PHE B 191 -5.36 -5.97 -28.52
C PHE B 191 -6.72 -5.35 -28.25
N LYS B 192 -7.34 -4.81 -29.31
CA LYS B 192 -8.59 -4.06 -29.25
C LYS B 192 -8.50 -2.93 -28.25
N ASP B 193 -9.32 -2.97 -27.20
CA ASP B 193 -9.32 -1.95 -26.16
C ASP B 193 -8.58 -2.38 -24.91
N LEU B 194 -7.90 -3.52 -24.93
CA LEU B 194 -7.24 -4.07 -23.76
C LEU B 194 -5.74 -4.17 -23.99
N HIS B 195 -4.96 -3.63 -23.05
CA HIS B 195 -3.52 -3.74 -23.10
C HIS B 195 -3.07 -5.13 -22.61
N PHE B 196 -1.79 -5.41 -22.81
CA PHE B 196 -1.21 -6.66 -22.32
C PHE B 196 0.25 -6.40 -21.96
N LYS B 197 0.62 -6.75 -20.73
CA LYS B 197 1.99 -6.67 -20.25
C LYS B 197 2.47 -8.08 -19.96
N MET B 198 3.60 -8.47 -20.55
CA MET B 198 4.16 -9.80 -20.33
C MET B 198 5.60 -9.67 -19.87
N PHE B 199 5.98 -10.56 -18.95
CA PHE B 199 7.35 -10.67 -18.49
C PHE B 199 7.91 -12.01 -18.94
N ASP B 200 9.01 -11.96 -19.69
CA ASP B 200 9.71 -13.16 -20.15
C ASP B 200 10.92 -13.36 -19.27
N VAL B 201 10.99 -14.50 -18.60
CA VAL B 201 12.15 -14.88 -17.80
C VAL B 201 12.99 -15.84 -18.64
N GLY B 202 14.15 -15.35 -19.05
CA GLY B 202 15.04 -16.13 -19.91
C GLY B 202 16.46 -16.08 -19.39
N ALA B 203 17.09 -17.25 -19.36
CA ALA B 203 18.47 -17.45 -18.87
C ALA B 203 18.66 -16.94 -17.46
N GLN B 204 17.63 -17.10 -16.61
CA GLN B 204 17.72 -16.66 -15.23
C GLN B 204 18.67 -17.54 -14.44
N ARG B 205 18.71 -18.84 -14.77
CA ARG B 205 19.54 -19.91 -14.16
C ARG B 205 19.59 -19.87 -12.63
N SER B 206 18.52 -19.38 -12.00
CA SER B 206 18.45 -19.25 -10.56
C SER B 206 17.37 -20.18 -10.03
N GLU B 207 17.38 -20.38 -8.72
CA GLU B 207 16.36 -21.19 -8.07
C GLU B 207 15.00 -20.52 -8.21
N ARG B 208 14.00 -21.29 -8.65
CA ARG B 208 12.70 -20.72 -8.96
C ARG B 208 11.97 -20.24 -7.72
N LYS B 209 12.17 -20.93 -6.59
CA LYS B 209 11.35 -20.70 -5.40
C LYS B 209 11.54 -19.30 -4.81
N LYS B 210 12.70 -18.69 -5.07
CA LYS B 210 12.96 -17.37 -4.52
C LYS B 210 12.18 -16.28 -5.25
N TRP B 211 11.92 -16.47 -6.54
CA TRP B 211 11.25 -15.44 -7.34
C TRP B 211 9.98 -15.91 -8.02
N ILE B 212 9.48 -17.10 -7.71
CA ILE B 212 8.21 -17.55 -8.32
C ILE B 212 7.04 -16.79 -7.73
N HIS B 213 7.12 -16.43 -6.44
CA HIS B 213 5.99 -15.79 -5.77
C HIS B 213 5.86 -14.32 -6.15
N CYS B 214 6.86 -13.75 -6.82
CA CYS B 214 6.78 -12.37 -7.28
C CYS B 214 5.75 -12.18 -8.37
N PHE B 215 5.37 -13.26 -9.05
CA PHE B 215 4.28 -13.25 -10.02
C PHE B 215 3.03 -13.91 -9.48
N GLU B 216 2.75 -13.76 -8.19
CA GLU B 216 1.50 -14.27 -7.61
C GLU B 216 0.29 -13.54 -8.20
N GLY B 217 0.44 -12.25 -8.47
CA GLY B 217 -0.66 -11.47 -9.02
C GLY B 217 -0.83 -11.62 -10.51
N VAL B 218 -0.13 -12.56 -11.15
CA VAL B 218 -0.28 -12.75 -12.58
C VAL B 218 -1.65 -13.34 -12.87
N THR B 219 -2.22 -12.96 -14.01
CA THR B 219 -3.54 -13.46 -14.38
C THR B 219 -3.45 -14.74 -15.17
N ALA B 220 -2.53 -14.80 -16.14
CA ALA B 220 -2.39 -15.98 -16.98
C ALA B 220 -0.94 -16.48 -16.94
N ILE B 221 -0.79 -17.79 -17.04
CA ILE B 221 0.51 -18.44 -17.09
C ILE B 221 0.59 -19.21 -18.40
N ILE B 222 1.49 -18.78 -19.29
CA ILE B 222 1.63 -19.36 -20.63
C ILE B 222 2.82 -20.30 -20.64
N PHE B 223 2.60 -21.51 -21.15
CA PHE B 223 3.64 -22.53 -21.26
C PHE B 223 3.84 -22.88 -22.73
N CYS B 224 5.09 -22.95 -23.16
CA CYS B 224 5.45 -23.27 -24.53
C CYS B 224 6.34 -24.51 -24.55
N VAL B 225 5.96 -25.49 -25.36
CA VAL B 225 6.64 -26.78 -25.40
C VAL B 225 6.70 -27.26 -26.84
N ALA B 226 7.88 -27.68 -27.29
CA ALA B 226 8.06 -28.24 -28.61
C ALA B 226 7.60 -29.70 -28.64
N LEU B 227 7.26 -30.17 -29.84
CA LEU B 227 6.79 -31.55 -30.01
C LEU B 227 7.73 -32.44 -30.80
N SER B 228 8.53 -31.90 -31.72
CA SER B 228 9.42 -32.70 -32.55
C SER B 228 10.79 -32.90 -31.92
N ASP B 229 10.91 -32.74 -30.61
CA ASP B 229 12.17 -32.90 -29.90
C ASP B 229 12.21 -34.18 -29.08
N TYR B 230 11.43 -35.18 -29.49
CA TYR B 230 11.33 -36.44 -28.77
C TYR B 230 12.44 -37.42 -29.14
N ASP B 231 13.39 -37.01 -29.98
CA ASP B 231 14.52 -37.84 -30.35
C ASP B 231 15.85 -37.27 -29.82
N LEU B 232 15.80 -36.22 -29.02
CA LEU B 232 17.01 -35.58 -28.51
C LEU B 232 17.08 -35.78 -27.01
N VAL B 233 18.19 -36.35 -26.54
CA VAL B 233 18.42 -36.62 -25.12
C VAL B 233 19.74 -35.98 -24.72
N LEU B 234 19.73 -35.20 -23.65
CA LEU B 234 20.93 -34.53 -23.16
C LEU B 234 21.79 -35.50 -22.35
N MET B 240 16.95 -39.74 -20.76
CA MET B 240 16.59 -38.46 -20.17
C MET B 240 16.04 -37.51 -21.22
N ASN B 241 14.93 -37.91 -21.83
CA ASN B 241 14.32 -37.10 -22.88
C ASN B 241 13.76 -35.80 -22.31
N ARG B 242 13.86 -34.73 -23.11
CA ARG B 242 13.40 -33.41 -22.67
C ARG B 242 11.91 -33.37 -22.48
N MET B 243 11.17 -34.22 -23.20
CA MET B 243 9.72 -34.29 -23.05
C MET B 243 9.32 -34.78 -21.67
N HIS B 244 10.03 -35.79 -21.16
CA HIS B 244 9.78 -36.27 -19.80
C HIS B 244 10.11 -35.21 -18.76
N GLU B 245 11.23 -34.51 -18.96
CA GLU B 245 11.66 -33.49 -18.00
C GLU B 245 10.77 -32.26 -18.05
N SER B 246 10.11 -32.01 -19.18
CA SER B 246 9.24 -30.84 -19.29
C SER B 246 7.95 -31.04 -18.52
N MET B 247 7.51 -32.29 -18.35
CA MET B 247 6.34 -32.55 -17.50
C MET B 247 6.63 -32.22 -16.04
N LYS B 248 7.88 -32.40 -15.62
CA LYS B 248 8.26 -32.18 -14.22
C LYS B 248 8.07 -30.73 -13.83
N LEU B 249 8.38 -29.81 -14.74
CA LEU B 249 8.13 -28.39 -14.50
C LEU B 249 6.63 -28.12 -14.38
N PHE B 250 5.84 -28.72 -15.28
CA PHE B 250 4.40 -28.45 -15.30
C PHE B 250 3.70 -29.10 -14.10
N ASP B 251 4.12 -30.30 -13.72
CA ASP B 251 3.54 -30.97 -12.56
C ASP B 251 3.87 -30.22 -11.27
N SER B 252 5.10 -29.70 -11.18
CA SER B 252 5.52 -29.00 -9.97
C SER B 252 4.84 -27.63 -9.86
N ILE B 253 4.78 -26.89 -10.96
CA ILE B 253 4.21 -25.54 -10.92
C ILE B 253 2.71 -25.58 -10.67
N CYS B 254 2.05 -26.67 -11.03
CA CYS B 254 0.62 -26.76 -10.79
C CYS B 254 0.32 -27.05 -9.33
N ASN B 255 1.07 -27.95 -8.71
CA ASN B 255 0.83 -28.38 -7.34
C ASN B 255 1.43 -27.43 -6.31
N ASN B 256 1.98 -26.30 -6.74
CA ASN B 256 2.52 -25.31 -5.81
C ASN B 256 1.39 -24.64 -5.03
N LYS B 257 1.76 -24.04 -3.91
CA LYS B 257 0.81 -23.43 -2.99
C LYS B 257 0.43 -22.02 -3.41
N TRP B 258 1.36 -21.27 -3.99
CA TRP B 258 1.07 -19.92 -4.45
C TRP B 258 0.10 -19.94 -5.63
N PHE B 259 0.30 -20.85 -6.57
CA PHE B 259 -0.57 -20.99 -7.73
C PHE B 259 -1.65 -22.03 -7.48
N THR B 260 -2.49 -21.80 -6.47
CA THR B 260 -3.58 -22.75 -6.19
C THR B 260 -4.70 -22.61 -7.20
N ASP B 261 -4.90 -21.40 -7.74
CA ASP B 261 -5.93 -21.17 -8.75
C ASP B 261 -5.43 -20.04 -9.64
N THR B 262 -4.81 -20.40 -10.76
CA THR B 262 -4.37 -19.46 -11.78
C THR B 262 -4.64 -20.10 -13.13
N SER B 263 -5.07 -19.29 -14.09
CA SER B 263 -5.32 -19.80 -15.43
C SER B 263 -4.02 -20.19 -16.11
N ILE B 264 -3.97 -21.41 -16.63
CA ILE B 264 -2.77 -21.96 -17.26
C ILE B 264 -3.11 -22.30 -18.71
N ILE B 265 -2.37 -21.72 -19.64
CA ILE B 265 -2.55 -21.92 -21.07
C ILE B 265 -1.26 -22.53 -21.60
N LEU B 266 -1.37 -23.72 -22.16
CA LEU B 266 -0.21 -24.38 -22.73
C LEU B 266 -0.27 -24.36 -24.24
N PHE B 267 0.83 -23.98 -24.87
CA PHE B 267 0.96 -23.91 -26.32
C PHE B 267 1.86 -25.03 -26.79
N LEU B 268 1.89 -25.20 -28.12
CA LEU B 268 2.69 -26.22 -28.75
C LEU B 268 3.70 -25.64 -29.73
N ASN B 269 4.46 -26.50 -30.37
CA ASN B 269 5.49 -26.08 -31.30
C ASN B 269 6.02 -27.30 -32.04
N LYS B 270 6.48 -27.07 -33.28
CA LYS B 270 7.14 -28.07 -34.13
C LYS B 270 6.23 -29.26 -34.44
N LYS B 271 4.96 -28.97 -34.73
CA LYS B 271 4.03 -30.02 -35.12
C LYS B 271 4.42 -30.66 -36.45
N ASP B 272 4.84 -29.84 -37.41
CA ASP B 272 5.08 -30.33 -38.77
C ASP B 272 6.27 -31.28 -38.83
N LEU B 273 7.32 -30.99 -38.07
CA LEU B 273 8.47 -31.89 -38.06
C LEU B 273 8.19 -33.11 -37.20
N PHE B 274 7.25 -33.01 -36.25
CA PHE B 274 6.85 -34.16 -35.46
C PHE B 274 6.16 -35.20 -36.33
N GLU B 275 5.19 -34.77 -37.13
CA GLU B 275 4.45 -35.70 -37.98
C GLU B 275 5.30 -36.18 -39.15
N GLU B 276 6.28 -35.39 -39.58
CA GLU B 276 7.09 -35.78 -40.73
C GLU B 276 8.05 -36.90 -40.37
N LYS B 277 8.61 -36.89 -39.16
CA LYS B 277 9.60 -37.87 -38.77
C LYS B 277 8.98 -39.12 -38.17
N ILE B 278 7.87 -38.98 -37.46
CA ILE B 278 7.22 -40.11 -36.80
C ILE B 278 6.62 -41.07 -37.82
N LEU B 283 7.94 -43.01 -32.62
CA LEU B 283 7.11 -43.13 -31.42
C LEU B 283 7.84 -43.91 -30.33
N THR B 284 8.53 -44.99 -30.73
CA THR B 284 9.21 -45.86 -29.78
C THR B 284 10.43 -45.20 -29.14
N ILE B 285 10.89 -44.07 -29.68
CA ILE B 285 12.04 -43.38 -29.11
C ILE B 285 11.69 -42.79 -27.75
N CYS B 286 10.55 -42.10 -27.67
CA CYS B 286 10.17 -41.42 -26.43
C CYS B 286 8.95 -42.02 -25.74
N TYR B 287 8.00 -42.59 -26.47
CA TYR B 287 6.81 -43.10 -25.79
C TYR B 287 6.48 -44.53 -26.24
N PRO B 288 7.27 -45.54 -25.87
CA PRO B 288 6.94 -46.91 -26.27
C PRO B 288 5.76 -47.49 -25.51
N GLU B 289 5.36 -46.87 -24.39
CA GLU B 289 4.28 -47.42 -23.59
C GLU B 289 2.93 -47.23 -24.25
N TYR B 290 2.79 -46.19 -25.09
CA TYR B 290 1.54 -45.97 -25.82
C TYR B 290 1.28 -47.09 -26.82
N ALA B 291 2.27 -47.38 -27.67
CA ALA B 291 2.26 -48.51 -28.62
C ALA B 291 1.03 -48.51 -29.53
N GLY B 292 0.66 -47.32 -29.99
CA GLY B 292 -0.48 -47.19 -30.87
C GLY B 292 -0.11 -46.86 -32.30
N SER B 293 -1.02 -46.21 -33.02
CA SER B 293 -0.79 -45.87 -34.41
C SER B 293 0.20 -44.73 -34.54
N ASN B 294 0.96 -44.74 -35.64
CA ASN B 294 1.95 -43.72 -35.91
C ASN B 294 1.40 -42.51 -36.66
N THR B 295 0.10 -42.49 -36.94
CA THR B 295 -0.50 -41.33 -37.60
C THR B 295 -0.46 -40.12 -36.67
N TYR B 296 -0.41 -38.93 -37.27
CA TYR B 296 -0.11 -37.71 -36.52
C TYR B 296 -1.22 -37.37 -35.53
N GLU B 297 -2.47 -37.42 -35.98
CA GLU B 297 -3.60 -36.97 -35.16
C GLU B 297 -3.78 -37.85 -33.93
N GLU B 298 -3.62 -39.16 -34.08
CA GLU B 298 -3.72 -40.05 -32.93
C GLU B 298 -2.50 -39.90 -32.02
N ALA B 299 -1.32 -39.67 -32.60
CA ALA B 299 -0.13 -39.49 -31.78
C ALA B 299 -0.14 -38.15 -31.07
N ALA B 300 -0.50 -37.08 -31.78
CA ALA B 300 -0.49 -35.75 -31.17
C ALA B 300 -1.55 -35.62 -30.08
N ALA B 301 -2.75 -36.18 -30.32
CA ALA B 301 -3.82 -36.09 -29.33
C ALA B 301 -3.47 -36.90 -28.07
N TYR B 302 -2.68 -37.95 -28.22
CA TYR B 302 -2.16 -38.66 -27.06
C TYR B 302 -1.22 -37.76 -26.26
N ILE B 303 -0.30 -37.08 -26.95
CA ILE B 303 0.78 -36.35 -26.28
C ILE B 303 0.23 -35.15 -25.52
N GLN B 304 -0.72 -34.41 -26.12
CA GLN B 304 -1.35 -33.29 -25.43
C GLN B 304 -2.23 -33.78 -24.28
N CYS B 305 -2.75 -35.00 -24.38
CA CYS B 305 -3.57 -35.54 -23.30
C CYS B 305 -2.73 -35.85 -22.07
N GLN B 306 -1.51 -36.38 -22.25
CA GLN B 306 -0.65 -36.67 -21.10
C GLN B 306 -0.17 -35.39 -20.44
N PHE B 307 -0.03 -34.31 -21.21
CA PHE B 307 0.33 -33.03 -20.64
C PHE B 307 -0.78 -32.50 -19.74
N GLU B 308 -2.03 -32.66 -20.16
CA GLU B 308 -3.19 -32.21 -19.39
C GLU B 308 -3.62 -33.23 -18.33
N ASP B 309 -3.25 -34.50 -18.49
CA ASP B 309 -3.62 -35.53 -17.51
C ASP B 309 -2.98 -35.25 -16.15
N LEU B 310 -1.71 -34.88 -16.14
CA LEU B 310 -0.96 -34.70 -14.90
C LEU B 310 -1.15 -33.29 -14.34
N ASN B 311 -2.42 -32.97 -14.06
CA ASN B 311 -2.83 -31.72 -13.45
C ASN B 311 -2.81 -31.79 -11.93
N LYS B 312 -2.57 -32.97 -11.39
CA LYS B 312 -2.53 -33.15 -9.95
C LYS B 312 -3.87 -32.89 -9.31
N ARG B 313 -3.87 -32.28 -8.14
CA ARG B 313 -5.12 -32.01 -7.43
C ARG B 313 -5.65 -30.61 -7.67
N LYS B 314 -4.99 -29.83 -8.52
CA LYS B 314 -5.41 -28.47 -8.81
C LYS B 314 -6.23 -28.43 -10.10
N ASP B 315 -7.41 -29.05 -10.04
CA ASP B 315 -8.28 -29.13 -11.20
C ASP B 315 -8.99 -27.81 -11.48
N THR B 316 -8.94 -26.86 -10.54
CA THR B 316 -9.46 -25.53 -10.79
C THR B 316 -8.65 -24.79 -11.85
N LYS B 317 -7.35 -25.04 -11.90
CA LYS B 317 -6.47 -24.46 -12.93
C LYS B 317 -6.71 -25.21 -14.23
N GLU B 318 -7.72 -24.75 -14.97
CA GLU B 318 -8.06 -25.38 -16.24
C GLU B 318 -6.96 -25.16 -17.26
N ILE B 319 -6.56 -26.25 -17.91
CA ILE B 319 -5.44 -26.23 -18.84
C ILE B 319 -5.98 -26.00 -20.24
N TYR B 320 -5.78 -24.79 -20.76
CA TYR B 320 -6.27 -24.43 -22.10
C TYR B 320 -5.22 -24.84 -23.14
N THR B 321 -5.22 -26.14 -23.45
CA THR B 321 -4.35 -26.65 -24.49
C THR B 321 -4.80 -26.16 -25.86
N HIS B 322 -3.84 -25.80 -26.70
CA HIS B 322 -4.16 -25.21 -27.99
C HIS B 322 -3.29 -25.81 -29.09
N PHE B 323 -3.89 -25.95 -30.27
CA PHE B 323 -3.25 -26.60 -31.41
C PHE B 323 -2.50 -25.57 -32.24
N THR B 324 -1.47 -24.99 -31.62
CA THR B 324 -0.69 -23.92 -32.24
C THR B 324 0.18 -24.53 -33.34
N CYS B 325 -0.13 -24.19 -34.58
CA CYS B 325 0.60 -24.70 -35.74
C CYS B 325 1.92 -23.98 -35.97
N SER B 326 2.16 -22.88 -35.24
CA SER B 326 3.25 -21.90 -35.35
C SER B 326 3.16 -21.09 -36.65
N THR B 327 2.06 -21.17 -37.38
CA THR B 327 1.84 -20.35 -38.56
C THR B 327 0.42 -19.77 -38.52
N ASP B 328 -0.25 -19.87 -37.37
CA ASP B 328 -1.61 -19.37 -37.24
C ASP B 328 -1.63 -17.84 -37.26
N THR B 329 -2.81 -17.30 -37.60
CA THR B 329 -2.93 -15.86 -37.80
C THR B 329 -2.84 -15.11 -36.47
N LYS B 330 -3.74 -15.41 -35.54
CA LYS B 330 -3.80 -14.74 -34.25
C LYS B 330 -3.97 -15.81 -33.17
N ASN B 331 -2.86 -16.32 -32.65
CA ASN B 331 -2.91 -17.26 -31.54
C ASN B 331 -3.22 -16.56 -30.23
N VAL B 332 -3.01 -15.25 -30.15
CA VAL B 332 -3.35 -14.46 -28.97
C VAL B 332 -4.85 -14.46 -28.71
N GLN B 333 -5.66 -14.69 -29.74
CA GLN B 333 -7.10 -14.94 -29.59
C GLN B 333 -7.34 -16.08 -28.61
N PHE B 334 -6.55 -17.15 -28.71
CA PHE B 334 -6.60 -18.26 -27.75
C PHE B 334 -6.39 -17.79 -26.33
N VAL B 335 -5.48 -16.83 -26.13
CA VAL B 335 -5.32 -16.23 -24.82
C VAL B 335 -6.52 -15.33 -24.48
N PHE B 336 -6.98 -14.55 -25.46
CA PHE B 336 -7.89 -13.43 -25.21
C PHE B 336 -9.23 -13.91 -24.66
N ASP B 337 -9.86 -14.85 -25.37
CA ASP B 337 -11.07 -15.49 -24.85
C ASP B 337 -10.77 -16.16 -23.50
N ALA B 338 -9.64 -16.85 -23.42
CA ALA B 338 -9.29 -17.56 -22.20
C ALA B 338 -8.86 -16.61 -21.09
N VAL B 339 -8.74 -15.31 -21.35
CA VAL B 339 -8.65 -14.44 -20.19
C VAL B 339 -10.01 -13.81 -19.90
N THR B 340 -10.79 -13.45 -20.92
CA THR B 340 -11.94 -12.58 -20.69
C THR B 340 -13.08 -13.36 -20.04
N ASP B 341 -13.26 -14.62 -20.42
CA ASP B 341 -14.19 -15.52 -19.75
C ASP B 341 -13.79 -15.67 -18.28
N VAL B 342 -12.49 -15.87 -18.04
CA VAL B 342 -11.98 -15.95 -16.68
C VAL B 342 -12.18 -14.63 -15.96
N ILE B 343 -12.05 -13.52 -16.71
CA ILE B 343 -12.33 -12.20 -16.15
C ILE B 343 -13.78 -12.13 -15.68
N ILE B 344 -14.69 -12.66 -16.51
CA ILE B 344 -16.10 -12.75 -16.14
C ILE B 344 -16.24 -13.64 -14.91
N LYS B 345 -15.53 -14.77 -14.89
CA LYS B 345 -15.54 -15.64 -13.72
C LYS B 345 -14.92 -14.93 -12.52
N ASN B 346 -13.87 -14.14 -12.75
CA ASN B 346 -13.27 -13.38 -11.66
C ASN B 346 -14.20 -12.27 -11.18
N ASN B 347 -15.13 -11.84 -12.04
CA ASN B 347 -16.18 -10.95 -11.56
C ASN B 347 -17.18 -11.71 -10.70
N LEU B 348 -17.67 -12.85 -11.23
CA LEU B 348 -18.79 -13.63 -10.62
C LEU B 348 -18.69 -13.87 -9.11
N LYS B 349 -17.58 -14.39 -8.61
CA LYS B 349 -17.42 -14.58 -7.17
C LYS B 349 -17.47 -13.24 -6.45
N ASP B 350 -16.84 -12.22 -7.05
CA ASP B 350 -17.02 -10.85 -6.58
C ASP B 350 -18.47 -10.40 -6.79
N CYS B 351 -19.10 -10.83 -7.89
CA CYS B 351 -20.44 -10.38 -8.22
C CYS B 351 -21.48 -10.99 -7.27
N GLY B 352 -21.17 -12.15 -6.70
CA GLY B 352 -22.01 -12.81 -5.71
C GLY B 352 -22.95 -13.83 -6.29
N LEU B 353 -23.19 -13.78 -7.61
CA LEU B 353 -24.06 -14.75 -8.24
C LEU B 353 -23.40 -16.12 -8.30
N PHE B 354 -22.07 -16.16 -8.46
CA PHE B 354 -21.29 -17.39 -8.30
C PHE B 354 -19.86 -17.03 -7.95
N SER C 20 40.27 -40.59 -5.93
CA SER C 20 41.52 -41.05 -5.33
C SER C 20 42.36 -39.86 -4.86
N GLU C 21 42.07 -38.68 -5.41
CA GLU C 21 42.76 -37.46 -5.03
C GLU C 21 41.84 -36.38 -4.49
N LEU C 22 40.59 -36.32 -4.96
CA LEU C 22 39.62 -35.37 -4.42
C LEU C 22 38.92 -35.90 -3.18
N ASP C 23 38.73 -37.22 -3.10
CA ASP C 23 38.07 -37.81 -1.93
C ASP C 23 38.91 -37.66 -0.66
N GLN C 24 40.23 -37.86 -0.76
CA GLN C 24 41.11 -37.66 0.38
C GLN C 24 41.18 -36.20 0.78
N LEU C 25 41.11 -35.30 -0.20
CA LEU C 25 41.10 -33.87 0.09
C LEU C 25 39.80 -33.46 0.77
N ARG C 26 38.68 -34.07 0.38
CA ARG C 26 37.41 -33.83 1.06
C ARG C 26 37.43 -34.40 2.47
N GLN C 27 38.12 -35.54 2.67
CA GLN C 27 38.27 -36.08 4.01
C GLN C 27 39.14 -35.20 4.88
N GLU C 28 40.17 -34.58 4.29
CA GLU C 28 40.97 -33.58 5.00
C GLU C 28 40.13 -32.38 5.37
N ALA C 29 39.23 -31.96 4.46
CA ALA C 29 38.29 -30.88 4.77
C ALA C 29 37.36 -31.26 5.92
N GLU C 30 36.88 -32.50 5.93
CA GLU C 30 36.01 -32.97 7.01
C GLU C 30 36.76 -33.00 8.33
N GLN C 31 38.03 -33.40 8.32
CA GLN C 31 38.84 -33.41 9.54
C GLN C 31 39.11 -32.00 10.04
N LEU C 32 39.34 -31.05 9.12
CA LEU C 32 39.53 -29.66 9.51
C LEU C 32 38.25 -29.07 10.08
N LYS C 33 37.10 -29.44 9.49
CA LYS C 33 35.81 -29.04 10.05
C LYS C 33 35.59 -29.65 11.43
N ASN C 34 36.00 -30.90 11.63
CA ASN C 34 35.87 -31.52 12.94
C ASN C 34 36.78 -30.84 13.96
N GLN C 35 37.97 -30.42 13.54
CA GLN C 35 38.86 -29.66 14.43
C GLN C 35 38.25 -28.32 14.79
N ILE C 36 37.63 -27.63 13.82
CA ILE C 36 37.02 -26.35 14.13
C ILE C 36 35.75 -26.54 14.96
N ARG C 37 35.11 -27.71 14.87
CA ARG C 37 33.94 -27.99 15.71
C ARG C 37 34.35 -28.31 17.14
N ASP C 38 35.46 -29.03 17.30
CA ASP C 38 36.06 -29.22 18.62
C ASP C 38 36.47 -27.87 19.21
N ALA C 39 36.92 -26.97 18.35
CA ALA C 39 37.19 -25.60 18.77
C ALA C 39 35.91 -24.89 19.22
N ARG C 40 34.79 -25.14 18.53
CA ARG C 40 33.50 -24.60 18.99
C ARG C 40 33.07 -25.21 20.32
N LYS C 41 33.37 -26.50 20.54
CA LYS C 41 32.96 -27.19 21.74
C LYS C 41 33.94 -27.02 22.89
N ALA C 42 35.02 -26.26 22.69
CA ALA C 42 35.95 -25.91 23.76
C ALA C 42 35.99 -24.41 24.03
N CYS C 43 35.80 -23.58 23.00
CA CYS C 43 35.69 -22.14 23.21
C CYS C 43 34.43 -21.80 24.01
N ALA C 44 33.33 -22.50 23.73
CA ALA C 44 32.10 -22.35 24.50
C ALA C 44 32.08 -23.43 25.58
N ASP C 45 32.75 -23.13 26.70
CA ASP C 45 32.66 -23.99 27.87
C ASP C 45 31.25 -24.03 28.43
N ALA C 46 30.50 -22.93 28.29
CA ALA C 46 29.08 -22.90 28.57
C ALA C 46 28.46 -22.02 27.49
N THR C 47 27.50 -22.58 26.75
CA THR C 47 26.86 -21.84 25.68
C THR C 47 25.97 -20.73 26.25
N LEU C 48 25.43 -19.91 25.33
CA LEU C 48 24.69 -18.72 25.73
C LEU C 48 23.44 -19.07 26.52
N SER C 49 22.69 -20.08 26.08
CA SER C 49 21.45 -20.45 26.75
C SER C 49 21.69 -21.02 28.15
N GLN C 50 22.90 -21.51 28.41
CA GLN C 50 23.26 -22.00 29.73
C GLN C 50 23.75 -20.89 30.66
N ILE C 51 24.02 -19.69 30.16
CA ILE C 51 24.50 -18.62 31.02
C ILE C 51 23.49 -17.48 31.10
N THR C 52 22.20 -17.79 31.00
CA THR C 52 21.16 -16.79 31.04
C THR C 52 20.23 -16.92 32.23
N ASN C 53 20.63 -17.67 33.26
CA ASN C 53 19.77 -17.79 34.43
C ASN C 53 19.81 -16.53 35.29
N ASN C 54 20.99 -15.91 35.40
CA ASN C 54 21.15 -14.76 36.29
C ASN C 54 20.41 -13.55 35.76
N ILE C 55 20.37 -13.37 34.44
CA ILE C 55 19.83 -12.16 33.86
C ILE C 55 18.32 -12.24 33.85
N ASP C 56 17.68 -11.22 34.41
CA ASP C 56 16.22 -11.15 34.44
C ASP C 56 15.69 -10.98 33.02
N PRO C 57 14.58 -11.63 32.68
CA PRO C 57 14.01 -11.46 31.35
C PRO C 57 13.52 -10.04 31.11
N VAL C 58 13.41 -9.68 29.82
CA VAL C 58 12.90 -8.37 29.44
C VAL C 58 11.44 -8.19 29.83
N GLY C 59 10.72 -9.29 30.01
CA GLY C 59 9.35 -9.24 30.48
C GLY C 59 8.36 -9.08 29.36
N ARG C 60 7.10 -9.00 29.74
CA ARG C 60 6.03 -8.72 28.77
C ARG C 60 6.19 -7.31 28.23
N ILE C 61 6.64 -7.21 26.99
CA ILE C 61 6.85 -5.92 26.35
C ILE C 61 5.61 -5.69 25.48
N GLN C 62 4.65 -4.96 26.03
CA GLN C 62 3.40 -4.65 25.34
C GLN C 62 3.65 -3.46 24.44
N MET C 63 4.23 -3.73 23.27
CA MET C 63 4.49 -2.68 22.29
C MET C 63 3.18 -2.21 21.67
N ARG C 64 2.95 -0.90 21.71
CA ARG C 64 1.75 -0.30 21.14
C ARG C 64 2.12 0.53 19.92
N THR C 65 1.22 0.54 18.93
CA THR C 65 1.45 1.35 17.74
C THR C 65 1.22 2.83 18.03
N ARG C 66 2.31 3.55 18.29
CA ARG C 66 2.23 5.00 18.49
C ARG C 66 1.78 5.68 17.21
N ARG C 67 2.32 5.25 16.07
CA ARG C 67 1.89 5.71 14.76
C ARG C 67 1.72 4.50 13.87
N THR C 68 0.90 4.66 12.82
CA THR C 68 0.64 3.61 11.85
C THR C 68 0.89 4.18 10.46
N LEU C 69 1.91 3.67 9.78
CA LEU C 69 2.36 4.22 8.51
C LEU C 69 1.61 3.55 7.36
N ARG C 70 0.50 4.15 6.97
CA ARG C 70 -0.33 3.66 5.89
C ARG C 70 -0.33 4.64 4.73
N GLY C 71 -0.56 4.12 3.53
CA GLY C 71 -0.64 4.96 2.35
C GLY C 71 -0.08 4.34 1.09
N HIS C 72 0.56 3.18 1.22
CA HIS C 72 1.04 2.49 0.03
C HIS C 72 -0.10 1.74 -0.63
N LEU C 73 0.21 1.03 -1.72
CA LEU C 73 -0.80 0.29 -2.46
C LEU C 73 -0.53 -1.22 -2.49
N ALA C 74 0.66 -1.63 -2.91
CA ALA C 74 0.93 -3.02 -3.20
C ALA C 74 1.82 -3.63 -2.11
N LYS C 75 2.26 -4.86 -2.36
CA LYS C 75 3.11 -5.60 -1.42
C LYS C 75 4.44 -4.89 -1.19
N ILE C 76 4.67 -4.44 0.03
CA ILE C 76 5.95 -3.81 0.34
C ILE C 76 6.95 -4.91 0.66
N TYR C 77 8.21 -4.68 0.31
CA TYR C 77 9.21 -5.72 0.42
C TYR C 77 10.46 -5.30 1.17
N ALA C 78 10.75 -4.01 1.27
CA ALA C 78 11.92 -3.62 2.03
C ALA C 78 11.68 -2.25 2.65
N MET C 79 12.35 -2.05 3.80
CA MET C 79 12.35 -0.74 4.49
C MET C 79 13.74 -0.60 5.13
N HIS C 80 14.28 0.62 5.19
CA HIS C 80 15.59 0.88 5.78
C HIS C 80 15.54 2.16 6.58
N TRP C 81 16.29 2.19 7.67
CA TRP C 81 16.30 3.34 8.56
C TRP C 81 17.47 4.26 8.24
N GLY C 82 17.31 5.53 8.60
CA GLY C 82 18.39 6.49 8.46
C GLY C 82 19.26 6.59 9.69
N THR C 83 20.35 7.36 9.55
CA THR C 83 21.23 7.60 10.70
C THR C 83 20.57 8.52 11.71
N ASP C 84 19.68 9.40 11.24
CA ASP C 84 18.99 10.32 12.13
C ASP C 84 17.95 9.63 13.00
N SER C 85 17.64 8.36 12.73
CA SER C 85 16.61 7.55 13.38
C SER C 85 15.23 8.17 13.25
N ARG C 86 15.01 8.98 12.22
CA ARG C 86 13.75 9.67 12.01
C ARG C 86 13.26 9.66 10.56
N LEU C 87 14.11 9.29 9.60
CA LEU C 87 13.71 9.20 8.20
C LEU C 87 13.98 7.78 7.70
N LEU C 88 12.97 7.15 7.12
CA LEU C 88 13.10 5.79 6.62
C LEU C 88 12.65 5.73 5.17
N VAL C 89 13.08 4.67 4.49
CA VAL C 89 12.82 4.47 3.06
C VAL C 89 12.10 3.15 2.89
N SER C 90 10.96 3.17 2.19
CA SER C 90 10.18 1.98 1.88
C SER C 90 10.19 1.73 0.38
N ALA C 91 10.37 0.46 0.00
CA ALA C 91 10.42 0.01 -1.38
C ALA C 91 9.55 -1.23 -1.56
N SER C 92 8.86 -1.28 -2.70
CA SER C 92 7.83 -2.28 -2.95
C SER C 92 7.84 -2.68 -4.40
N GLN C 93 7.02 -3.69 -4.73
CA GLN C 93 6.90 -4.15 -6.11
C GLN C 93 5.99 -3.26 -6.94
N ASP C 94 5.30 -2.30 -6.32
CA ASP C 94 4.48 -1.36 -7.09
C ASP C 94 5.31 -0.45 -7.97
N GLY C 95 6.57 -0.23 -7.63
CA GLY C 95 7.42 0.70 -8.34
C GLY C 95 7.56 2.05 -7.69
N LYS C 96 7.62 2.11 -6.36
CA LYS C 96 7.76 3.36 -5.62
C LYS C 96 8.82 3.18 -4.54
N LEU C 97 9.77 4.12 -4.47
CA LEU C 97 10.54 4.34 -3.24
C LEU C 97 10.02 5.60 -2.55
N ILE C 98 9.54 5.43 -1.32
CA ILE C 98 8.93 6.52 -0.57
C ILE C 98 9.79 6.79 0.66
N ILE C 99 10.13 8.06 0.87
CA ILE C 99 10.83 8.49 2.07
C ILE C 99 9.78 8.99 3.04
N TRP C 100 9.66 8.33 4.19
CA TRP C 100 8.63 8.68 5.15
C TRP C 100 9.22 9.54 6.27
N ASP C 101 8.38 9.94 7.21
CA ASP C 101 8.77 10.70 8.38
C ASP C 101 8.44 9.89 9.63
N SER C 102 9.08 10.26 10.74
CA SER C 102 8.91 9.52 11.98
C SER C 102 7.62 9.90 12.70
N TYR C 103 7.48 11.18 13.05
CA TYR C 103 6.43 11.63 13.96
C TYR C 103 5.22 12.22 13.23
N THR C 104 5.43 12.93 12.12
CA THR C 104 4.29 13.56 11.47
C THR C 104 3.60 12.61 10.49
N THR C 105 4.26 11.50 10.15
CA THR C 105 3.83 10.48 9.20
C THR C 105 3.52 11.03 7.81
N ASN C 106 4.08 12.17 7.44
CA ASN C 106 3.84 12.79 6.15
C ASN C 106 5.05 12.53 5.26
N LYS C 107 4.85 11.71 4.22
CA LYS C 107 5.94 11.37 3.32
C LYS C 107 6.39 12.59 2.52
N VAL C 108 7.64 12.56 2.10
CA VAL C 108 8.30 13.70 1.48
C VAL C 108 8.72 13.40 0.04
N HIS C 109 9.37 12.27 -0.19
CA HIS C 109 9.95 11.96 -1.49
C HIS C 109 9.32 10.70 -2.06
N ALA C 110 8.89 10.79 -3.31
CA ALA C 110 8.40 9.64 -4.07
C ALA C 110 9.26 9.48 -5.32
N ILE C 111 9.86 8.30 -5.48
CA ILE C 111 10.82 8.07 -6.55
C ILE C 111 10.33 6.92 -7.43
N PRO C 112 10.26 7.13 -8.74
CA PRO C 112 9.90 6.06 -9.67
C PRO C 112 11.09 5.17 -10.01
N LEU C 113 10.78 4.03 -10.63
CA LEU C 113 11.71 2.93 -10.79
C LEU C 113 11.72 2.46 -12.23
N ARG C 114 12.91 2.29 -12.80
CA ARG C 114 13.02 1.84 -14.19
C ARG C 114 12.56 0.39 -14.33
N SER C 115 12.89 -0.46 -13.38
CA SER C 115 12.40 -1.83 -13.32
C SER C 115 11.24 -1.90 -12.33
N SER C 116 10.15 -2.55 -12.74
CA SER C 116 8.96 -2.62 -11.91
C SER C 116 9.18 -3.50 -10.68
N TRP C 117 9.91 -4.59 -10.84
CA TRP C 117 10.15 -5.52 -9.73
C TRP C 117 11.47 -5.19 -9.04
N VAL C 118 11.38 -4.90 -7.74
CA VAL C 118 12.55 -4.52 -6.94
C VAL C 118 12.45 -5.18 -5.57
N MET C 119 13.58 -5.78 -5.14
CA MET C 119 13.64 -6.39 -3.81
C MET C 119 14.72 -5.84 -2.88
N THR C 120 15.72 -5.08 -3.36
CA THR C 120 16.74 -4.56 -2.45
C THR C 120 16.82 -3.04 -2.53
N CYS C 121 17.04 -2.42 -1.38
CA CYS C 121 17.16 -0.97 -1.28
C CYS C 121 18.04 -0.63 -0.08
N ALA C 122 18.70 0.52 -0.16
CA ALA C 122 19.61 0.96 0.89
C ALA C 122 19.64 2.48 0.92
N TYR C 123 19.72 3.03 2.13
CA TYR C 123 19.84 4.47 2.36
C TYR C 123 21.25 4.77 2.84
N ALA C 124 21.86 5.79 2.26
CA ALA C 124 23.22 6.15 2.63
C ALA C 124 23.25 6.67 4.07
N PRO C 125 24.35 6.47 4.80
CA PRO C 125 24.42 7.00 6.17
C PRO C 125 24.32 8.51 6.26
N SER C 126 24.87 9.23 5.29
CA SER C 126 24.76 10.68 5.26
C SER C 126 23.45 11.16 4.65
N GLY C 127 22.68 10.26 4.03
CA GLY C 127 21.41 10.62 3.44
C GLY C 127 21.49 11.20 2.04
N ASN C 128 22.69 11.38 1.49
CA ASN C 128 22.83 12.01 0.18
C ASN C 128 22.32 11.12 -0.94
N TYR C 129 22.63 9.83 -0.89
CA TYR C 129 22.30 8.91 -1.98
C TYR C 129 21.37 7.81 -1.49
N VAL C 130 20.70 7.16 -2.43
CA VAL C 130 19.87 6.00 -2.14
C VAL C 130 20.08 4.98 -3.26
N ALA C 131 20.32 3.72 -2.88
CA ALA C 131 20.51 2.65 -3.84
C ALA C 131 19.25 1.79 -3.92
N CYS C 132 18.89 1.43 -5.14
CA CYS C 132 17.72 0.60 -5.42
C CYS C 132 18.14 -0.50 -6.39
N GLY C 133 17.54 -1.67 -6.23
CA GLY C 133 17.89 -2.79 -7.08
C GLY C 133 16.82 -3.85 -7.14
N GLY C 134 16.63 -4.40 -8.33
CA GLY C 134 15.65 -5.43 -8.58
C GLY C 134 16.26 -6.77 -8.84
N LEU C 135 15.49 -7.64 -9.49
CA LEU C 135 15.98 -8.94 -9.90
C LEU C 135 16.53 -8.93 -11.32
N ASP C 136 16.63 -7.75 -11.94
CA ASP C 136 17.09 -7.63 -13.32
C ASP C 136 18.59 -7.41 -13.44
N ASN C 137 19.36 -7.87 -12.44
CA ASN C 137 20.81 -7.66 -12.27
C ASN C 137 21.28 -6.24 -12.59
N ILE C 138 20.48 -5.24 -12.22
CA ILE C 138 20.81 -3.84 -12.38
C ILE C 138 20.70 -3.17 -11.03
N CYS C 139 21.76 -2.49 -10.61
CA CYS C 139 21.77 -1.71 -9.39
C CYS C 139 21.84 -0.23 -9.76
N SER C 140 20.88 0.54 -9.30
CA SER C 140 20.80 1.96 -9.61
C SER C 140 20.98 2.78 -8.35
N ILE C 141 21.62 3.94 -8.49
CA ILE C 141 21.88 4.83 -7.36
C ILE C 141 21.39 6.22 -7.75
N TYR C 142 20.55 6.79 -6.89
CA TYR C 142 19.99 8.12 -7.05
C TYR C 142 20.55 9.06 -5.99
N ASN C 143 20.54 10.35 -6.30
CA ASN C 143 20.96 11.38 -5.36
C ASN C 143 19.74 12.09 -4.80
N LEU C 144 19.65 12.16 -3.46
CA LEU C 144 18.51 12.79 -2.82
C LEU C 144 18.65 14.31 -2.79
N LYS C 145 19.72 14.80 -2.16
CA LYS C 145 19.98 16.23 -2.08
C LYS C 145 20.60 16.70 -3.38
N THR C 146 19.78 17.27 -4.26
CA THR C 146 20.23 17.78 -5.54
C THR C 146 19.97 19.28 -5.62
N ARG C 147 20.67 19.91 -6.57
CA ARG C 147 20.51 21.35 -6.78
C ARG C 147 19.11 21.70 -7.28
N GLU C 148 18.57 20.89 -8.19
CA GLU C 148 17.23 21.15 -8.71
C GLU C 148 16.12 20.74 -7.74
N GLY C 149 16.45 20.03 -6.66
CA GLY C 149 15.48 19.61 -5.68
C GLY C 149 14.77 18.31 -5.99
N ASN C 150 15.05 17.69 -7.13
CA ASN C 150 14.44 16.42 -7.51
C ASN C 150 15.41 15.27 -7.25
N VAL C 151 14.99 14.08 -7.66
CA VAL C 151 15.78 12.85 -7.53
C VAL C 151 15.94 12.25 -8.91
N ARG C 152 17.19 12.11 -9.36
CA ARG C 152 17.50 11.59 -10.68
C ARG C 152 18.48 10.44 -10.57
N VAL C 153 18.73 9.79 -11.71
CA VAL C 153 19.68 8.69 -11.78
C VAL C 153 21.10 9.24 -11.64
N SER C 154 21.73 9.00 -10.49
CA SER C 154 23.13 9.37 -10.35
C SER C 154 24.02 8.43 -11.15
N ARG C 155 23.87 7.12 -10.93
CA ARG C 155 24.57 6.14 -11.77
C ARG C 155 23.97 4.74 -11.71
N GLU C 156 24.04 4.01 -12.83
CA GLU C 156 23.67 2.60 -12.88
C GLU C 156 24.92 1.75 -12.68
N LEU C 157 24.88 0.85 -11.69
CA LEU C 157 26.04 0.02 -11.39
C LEU C 157 26.19 -1.09 -12.44
N ALA C 158 25.19 -1.98 -12.55
CA ALA C 158 25.06 -3.04 -13.56
C ALA C 158 26.29 -3.94 -13.50
N GLY C 159 26.88 -4.32 -14.64
CA GLY C 159 28.12 -5.09 -14.66
C GLY C 159 28.01 -6.48 -14.07
N HIS C 160 26.80 -7.05 -14.05
CA HIS C 160 26.54 -8.28 -13.32
C HIS C 160 25.38 -9.00 -13.97
N THR C 161 25.29 -10.30 -13.73
CA THR C 161 24.26 -11.16 -14.30
C THR C 161 23.45 -11.81 -13.19
N GLY C 162 22.16 -12.00 -13.44
CA GLY C 162 21.29 -12.68 -12.49
C GLY C 162 20.27 -11.78 -11.81
N TYR C 163 20.24 -11.82 -10.48
CA TYR C 163 19.27 -11.06 -9.71
C TYR C 163 19.90 -10.59 -8.42
N LEU C 164 19.75 -9.30 -8.10
CA LEU C 164 20.31 -8.76 -6.87
C LEU C 164 19.52 -9.24 -5.66
N SER C 165 20.22 -9.40 -4.55
CA SER C 165 19.62 -9.86 -3.31
C SER C 165 19.88 -8.94 -2.12
N CYS C 166 21.05 -8.32 -2.03
CA CYS C 166 21.29 -7.35 -0.96
C CYS C 166 22.32 -6.32 -1.41
N CYS C 167 22.07 -5.06 -1.05
CA CYS C 167 22.97 -3.95 -1.35
C CYS C 167 23.24 -3.19 -0.07
N ARG C 168 24.49 -2.78 0.14
CA ARG C 168 24.88 -2.10 1.36
C ARG C 168 25.96 -1.07 1.08
N PHE C 169 25.89 0.05 1.81
CA PHE C 169 26.81 1.17 1.64
C PHE C 169 27.95 1.00 2.64
N LEU C 170 29.08 0.50 2.17
CA LEU C 170 30.29 0.54 2.98
C LEU C 170 30.83 1.95 3.10
N ASP C 171 30.70 2.73 2.03
CA ASP C 171 31.18 4.11 2.00
C ASP C 171 30.27 4.87 1.04
N ASP C 172 30.47 6.20 1.00
CA ASP C 172 29.76 7.03 0.02
C ASP C 172 30.14 6.67 -1.40
N ASN C 173 31.34 6.11 -1.60
CA ASN C 173 31.79 5.69 -2.92
C ASN C 173 32.18 4.22 -3.00
N GLN C 174 32.02 3.45 -1.92
CA GLN C 174 32.23 2.00 -1.94
C GLN C 174 30.93 1.31 -1.56
N ILE C 175 30.52 0.32 -2.37
CA ILE C 175 29.26 -0.37 -2.14
C ILE C 175 29.49 -1.88 -2.29
N VAL C 176 28.90 -2.65 -1.37
CA VAL C 176 28.88 -4.10 -1.51
C VAL C 176 27.53 -4.54 -2.05
N THR C 177 27.55 -5.31 -3.12
CA THR C 177 26.35 -5.91 -3.67
C THR C 177 26.49 -7.42 -3.61
N SER C 178 25.38 -8.10 -3.44
CA SER C 178 25.34 -9.55 -3.34
C SER C 178 24.13 -10.03 -4.12
N SER C 179 24.36 -10.81 -5.16
CA SER C 179 23.35 -11.10 -6.15
C SER C 179 23.29 -12.60 -6.45
N GLY C 180 22.49 -12.95 -7.46
CA GLY C 180 22.22 -14.34 -7.77
C GLY C 180 23.27 -15.06 -8.57
N ASP C 181 24.37 -14.41 -8.94
CA ASP C 181 25.44 -15.05 -9.69
C ASP C 181 26.44 -15.79 -8.81
N THR C 182 26.06 -16.08 -7.56
CA THR C 182 26.89 -16.77 -6.56
C THR C 182 28.23 -16.04 -6.37
N THR C 183 28.16 -14.71 -6.33
CA THR C 183 29.33 -13.85 -6.30
C THR C 183 28.94 -12.50 -5.74
N CYS C 184 29.61 -12.09 -4.66
CA CYS C 184 29.44 -10.75 -4.11
C CYS C 184 30.48 -9.85 -4.74
N ALA C 185 30.19 -8.56 -4.82
CA ALA C 185 31.06 -7.62 -5.52
C ALA C 185 31.15 -6.31 -4.75
N LEU C 186 32.38 -5.87 -4.51
CA LEU C 186 32.64 -4.54 -3.96
C LEU C 186 32.97 -3.61 -5.12
N TRP C 187 32.14 -2.57 -5.26
CA TRP C 187 32.13 -1.65 -6.38
C TRP C 187 32.51 -0.26 -5.93
N ASP C 188 33.13 0.49 -6.84
CA ASP C 188 33.39 1.91 -6.69
C ASP C 188 32.47 2.65 -7.66
N ILE C 189 31.70 3.61 -7.13
CA ILE C 189 30.74 4.36 -7.93
C ILE C 189 31.47 5.26 -8.93
N GLU C 190 32.65 5.76 -8.56
CA GLU C 190 33.38 6.70 -9.41
C GLU C 190 33.83 6.05 -10.72
N THR C 191 34.45 4.87 -10.64
CA THR C 191 34.93 4.20 -11.84
C THR C 191 33.90 3.28 -12.48
N GLY C 192 32.86 2.90 -11.75
CA GLY C 192 31.86 1.99 -12.27
C GLY C 192 32.38 0.61 -12.59
N GLN C 193 33.37 0.13 -11.84
CA GLN C 193 33.99 -1.17 -12.06
C GLN C 193 34.07 -1.91 -10.73
N GLN C 194 34.07 -3.24 -10.81
CA GLN C 194 34.21 -4.06 -9.61
C GLN C 194 35.59 -3.90 -9.00
N THR C 195 35.67 -3.32 -7.80
CA THR C 195 36.96 -3.28 -7.11
C THR C 195 37.40 -4.66 -6.69
N THR C 196 36.52 -5.41 -6.02
CA THR C 196 36.85 -6.79 -5.68
C THR C 196 35.66 -7.70 -5.95
N THR C 197 35.96 -8.97 -6.17
CA THR C 197 34.95 -9.99 -6.44
C THR C 197 35.11 -11.15 -5.45
N PHE C 198 33.99 -11.80 -5.14
CA PHE C 198 33.94 -12.89 -4.18
C PHE C 198 33.11 -14.01 -4.78
N THR C 199 33.78 -15.08 -5.25
CA THR C 199 33.11 -16.17 -5.94
C THR C 199 33.23 -17.50 -5.19
N GLY C 200 33.36 -17.47 -3.87
CA GLY C 200 33.48 -18.71 -3.12
C GLY C 200 32.18 -19.48 -3.05
N HIS C 201 31.06 -18.78 -3.07
CA HIS C 201 29.76 -19.40 -2.94
C HIS C 201 29.37 -20.14 -4.21
N THR C 202 28.64 -21.25 -4.04
CA THR C 202 28.14 -22.06 -5.14
C THR C 202 26.66 -21.85 -5.39
N GLY C 203 25.88 -21.60 -4.33
CA GLY C 203 24.51 -21.21 -4.49
C GLY C 203 24.33 -19.71 -4.44
N ASP C 204 23.20 -19.24 -4.97
CA ASP C 204 22.93 -17.82 -5.04
C ASP C 204 22.70 -17.26 -3.63
N VAL C 205 23.27 -16.09 -3.37
CA VAL C 205 23.17 -15.50 -2.05
C VAL C 205 21.82 -14.82 -1.88
N MET C 206 21.45 -14.56 -0.62
CA MET C 206 20.13 -14.03 -0.30
C MET C 206 20.16 -12.69 0.43
N SER C 207 21.02 -12.53 1.43
CA SER C 207 21.16 -11.25 2.10
C SER C 207 22.51 -11.22 2.80
N LEU C 208 22.93 -10.00 3.15
CA LEU C 208 24.12 -9.82 3.97
C LEU C 208 23.87 -8.67 4.94
N SER C 209 24.73 -8.59 5.94
CA SER C 209 24.76 -7.45 6.85
C SER C 209 26.21 -7.06 7.07
N LEU C 210 26.52 -5.79 6.83
CA LEU C 210 27.87 -5.29 7.01
C LEU C 210 28.20 -5.10 8.49
N ALA C 211 29.48 -5.12 8.80
CA ALA C 211 29.91 -4.87 10.16
C ALA C 211 29.69 -3.40 10.52
N PRO C 212 29.47 -3.10 11.80
CA PRO C 212 29.38 -1.68 12.22
C PRO C 212 30.65 -0.90 11.97
N ASP C 213 31.81 -1.55 12.03
CA ASP C 213 33.08 -0.88 11.78
C ASP C 213 33.36 -0.68 10.29
N THR C 214 32.56 -1.29 9.40
CA THR C 214 32.66 -1.18 7.94
C THR C 214 34.05 -1.57 7.43
N ARG C 215 34.53 -2.73 7.88
CA ARG C 215 35.78 -3.29 7.39
C ARG C 215 35.69 -4.76 7.01
N LEU C 216 34.73 -5.50 7.55
CA LEU C 216 34.50 -6.90 7.21
C LEU C 216 33.02 -7.08 6.92
N PHE C 217 32.67 -8.11 6.15
CA PHE C 217 31.26 -8.43 6.00
C PHE C 217 31.07 -9.92 5.79
N VAL C 218 29.95 -10.44 6.29
CA VAL C 218 29.55 -11.82 6.07
C VAL C 218 28.55 -11.86 4.93
N SER C 219 28.52 -12.96 4.19
CA SER C 219 27.54 -13.18 3.13
C SER C 219 27.01 -14.59 3.27
N GLY C 220 25.70 -14.74 3.27
CA GLY C 220 25.04 -16.05 3.38
C GLY C 220 24.35 -16.42 2.09
N ALA C 221 24.43 -17.69 1.72
CA ALA C 221 23.91 -18.13 0.43
C ALA C 221 22.84 -19.19 0.61
N CYS C 222 22.27 -19.62 -0.52
CA CYS C 222 21.32 -20.73 -0.53
C CYS C 222 22.01 -22.09 -0.46
N ASP C 223 23.33 -22.13 -0.32
CA ASP C 223 24.14 -23.32 -0.12
C ASP C 223 24.02 -23.86 1.31
N ALA C 224 23.15 -23.27 2.14
CA ALA C 224 23.03 -23.52 3.59
C ALA C 224 24.37 -23.25 4.28
N SER C 225 25.02 -22.16 3.89
CA SER C 225 26.30 -21.76 4.48
C SER C 225 26.47 -20.26 4.29
N ALA C 226 27.54 -19.74 4.90
CA ALA C 226 27.88 -18.33 4.85
C ALA C 226 29.40 -18.21 4.98
N LYS C 227 29.93 -17.08 4.54
CA LYS C 227 31.38 -16.88 4.56
C LYS C 227 31.69 -15.40 4.82
N LEU C 228 32.78 -15.18 5.55
CA LEU C 228 33.30 -13.84 5.81
C LEU C 228 34.16 -13.36 4.63
N TRP C 229 34.19 -12.04 4.44
CA TRP C 229 34.96 -11.44 3.36
C TRP C 229 35.57 -10.13 3.86
N ASP C 230 36.80 -9.88 3.44
CA ASP C 230 37.57 -8.68 3.78
C ASP C 230 37.60 -7.74 2.58
N VAL C 231 37.49 -6.45 2.86
CA VAL C 231 37.57 -5.45 1.81
C VAL C 231 39.00 -5.28 1.30
N ARG C 232 39.97 -5.24 2.21
CA ARG C 232 41.34 -4.92 1.83
C ARG C 232 41.98 -6.05 1.03
N GLU C 233 41.62 -7.30 1.32
CA GLU C 233 42.20 -8.43 0.62
C GLU C 233 41.28 -9.01 -0.46
N GLY C 234 39.97 -8.83 -0.31
CA GLY C 234 39.06 -9.30 -1.34
C GLY C 234 38.81 -10.79 -1.34
N MET C 235 39.26 -11.51 -0.32
CA MET C 235 39.11 -12.96 -0.23
C MET C 235 38.31 -13.36 1.00
N CYS C 236 38.12 -14.67 1.16
CA CYS C 236 37.36 -15.20 2.27
C CYS C 236 38.21 -15.33 3.53
N ARG C 237 37.53 -15.29 4.68
CA ARG C 237 38.21 -15.37 5.98
C ARG C 237 37.70 -16.47 6.90
N GLN C 238 36.42 -16.84 6.84
CA GLN C 238 35.85 -17.82 7.77
C GLN C 238 34.57 -18.38 7.17
N THR C 239 34.33 -19.66 7.43
CA THR C 239 33.12 -20.36 6.97
C THR C 239 32.14 -20.57 8.11
N PHE C 240 30.85 -20.61 7.78
CA PHE C 240 29.77 -20.87 8.71
C PHE C 240 28.82 -21.86 8.06
N THR C 241 28.52 -22.95 8.77
CA THR C 241 27.60 -23.96 8.27
C THR C 241 26.80 -24.52 9.42
N GLY C 242 25.77 -25.30 9.08
CA GLY C 242 24.93 -25.92 10.08
C GLY C 242 23.47 -25.90 9.70
N HIS C 243 23.07 -24.95 8.85
CA HIS C 243 21.69 -24.87 8.41
C HIS C 243 21.34 -26.04 7.51
N GLU C 244 20.09 -26.50 7.59
CA GLU C 244 19.62 -27.58 6.74
C GLU C 244 19.08 -27.09 5.41
N SER C 245 18.89 -25.79 5.25
CA SER C 245 18.32 -25.24 4.03
C SER C 245 18.86 -23.81 3.84
N ASP C 246 18.29 -23.11 2.85
CA ASP C 246 18.77 -21.80 2.45
C ASP C 246 18.51 -20.74 3.52
N ILE C 247 19.52 -19.90 3.74
CA ILE C 247 19.42 -18.83 4.74
C ILE C 247 18.64 -17.68 4.12
N ASN C 248 17.47 -17.38 4.68
CA ASN C 248 16.66 -16.31 4.13
C ASN C 248 17.20 -14.93 4.50
N ALA C 249 17.55 -14.74 5.78
CA ALA C 249 17.95 -13.43 6.27
C ALA C 249 19.11 -13.59 7.23
N ILE C 250 19.88 -12.51 7.38
CA ILE C 250 21.02 -12.47 8.29
C ILE C 250 21.26 -11.03 8.69
N CYS C 251 21.49 -10.81 9.99
CA CYS C 251 21.83 -9.50 10.51
C CYS C 251 23.08 -9.61 11.37
N PHE C 252 23.79 -8.49 11.51
CA PHE C 252 25.04 -8.44 12.25
C PHE C 252 24.83 -7.82 13.62
N PHE C 253 25.51 -8.38 14.61
CA PHE C 253 25.48 -7.83 15.96
C PHE C 253 26.19 -6.48 15.97
N PRO C 254 25.59 -5.44 16.58
CA PRO C 254 26.26 -4.12 16.60
C PRO C 254 27.58 -4.07 17.35
N ASN C 255 27.87 -5.06 18.20
CA ASN C 255 29.18 -5.14 18.83
C ASN C 255 30.27 -5.47 17.81
N GLY C 256 29.92 -6.13 16.71
CA GLY C 256 30.90 -6.44 15.69
C GLY C 256 31.65 -7.72 15.90
N ASN C 257 31.14 -8.60 16.76
CA ASN C 257 31.76 -9.90 17.00
C ASN C 257 30.86 -11.08 16.69
N ALA C 258 29.57 -10.87 16.48
CA ALA C 258 28.64 -11.96 16.25
C ALA C 258 27.65 -11.53 15.17
N PHE C 259 26.73 -12.44 14.84
CA PHE C 259 25.66 -12.19 13.87
C PHE C 259 24.62 -13.29 14.04
N ALA C 260 23.43 -13.05 13.51
CA ALA C 260 22.32 -13.99 13.59
C ALA C 260 21.78 -14.27 12.19
N THR C 261 21.39 -15.53 11.97
CA THR C 261 20.85 -16.01 10.72
C THR C 261 19.46 -16.59 10.94
N GLY C 262 18.62 -16.47 9.93
CA GLY C 262 17.30 -17.10 9.94
C GLY C 262 16.96 -17.65 8.58
N SER C 263 16.33 -18.82 8.58
CA SER C 263 16.14 -19.60 7.37
C SER C 263 14.72 -20.17 7.32
N ASP C 264 14.48 -21.01 6.32
CA ASP C 264 13.23 -21.74 6.19
C ASP C 264 13.15 -22.94 7.12
N ASP C 265 14.24 -23.24 7.85
CA ASP C 265 14.25 -24.39 8.75
C ASP C 265 13.59 -24.08 10.09
N ALA C 266 13.06 -22.87 10.26
CA ALA C 266 12.42 -22.38 11.49
C ALA C 266 13.38 -22.33 12.67
N THR C 267 14.69 -22.25 12.41
CA THR C 267 15.71 -22.21 13.46
C THR C 267 16.57 -20.96 13.29
N CYS C 268 16.27 -19.93 14.06
CA CYS C 268 17.18 -18.78 14.15
C CYS C 268 18.44 -19.20 14.88
N ARG C 269 19.59 -18.81 14.35
CA ARG C 269 20.86 -19.22 14.93
C ARG C 269 21.75 -18.01 15.16
N LEU C 270 22.58 -18.08 16.17
CA LEU C 270 23.49 -16.99 16.53
C LEU C 270 24.92 -17.50 16.40
N PHE C 271 25.62 -17.05 15.36
CA PHE C 271 27.01 -17.44 15.13
C PHE C 271 27.92 -16.26 15.43
N ASP C 272 28.92 -16.49 16.26
CA ASP C 272 29.89 -15.46 16.61
C ASP C 272 30.95 -15.38 15.52
N LEU C 273 31.26 -14.17 15.06
CA LEU C 273 32.24 -14.00 13.99
C LEU C 273 33.63 -14.39 14.45
N ARG C 274 33.95 -14.17 15.72
CA ARG C 274 35.27 -14.50 16.24
C ARG C 274 35.31 -15.79 17.03
N ALA C 275 34.20 -16.53 17.09
CA ALA C 275 34.18 -17.82 17.76
C ALA C 275 33.59 -18.95 16.92
N ASP C 276 32.97 -18.62 15.78
CA ASP C 276 32.38 -19.51 14.77
C ASP C 276 31.57 -20.68 15.33
N GLN C 277 30.90 -20.47 16.45
CA GLN C 277 30.26 -21.56 17.18
C GLN C 277 28.75 -21.41 17.16
N GLU C 278 28.08 -22.56 17.15
CA GLU C 278 26.63 -22.63 17.21
C GLU C 278 26.21 -22.46 18.67
N LEU C 279 25.72 -21.28 19.01
CA LEU C 279 25.33 -21.00 20.38
C LEU C 279 24.05 -21.75 20.76
N MET C 280 22.95 -21.44 20.07
CA MET C 280 21.69 -22.18 20.26
C MET C 280 20.81 -21.95 19.04
N THR C 281 20.10 -23.01 18.65
CA THR C 281 19.11 -22.96 17.58
C THR C 281 17.82 -22.41 18.18
N TYR C 282 17.50 -21.16 17.83
CA TYR C 282 16.33 -20.50 18.43
C TYR C 282 15.09 -20.98 17.71
N SER C 283 14.35 -21.88 18.33
CA SER C 283 13.15 -22.35 17.67
C SER C 283 12.28 -23.13 18.61
N HIS C 284 10.98 -23.02 18.40
CA HIS C 284 10.03 -23.75 19.20
C HIS C 284 9.18 -24.53 18.24
N ASP C 285 8.79 -25.73 18.66
CA ASP C 285 7.98 -26.63 17.87
C ASP C 285 6.79 -25.93 17.29
N ASN C 286 6.00 -25.30 18.15
CA ASN C 286 4.81 -24.65 17.60
C ASN C 286 5.11 -23.86 16.33
N ILE C 287 6.39 -23.57 16.09
CA ILE C 287 6.82 -22.85 14.90
C ILE C 287 7.02 -23.83 13.75
N ILE C 288 6.23 -23.67 12.70
CA ILE C 288 6.40 -24.44 11.46
C ILE C 288 6.72 -23.44 10.36
N CYS C 289 6.60 -22.16 10.70
CA CYS C 289 6.83 -21.04 9.80
C CYS C 289 8.33 -20.77 9.64
N GLY C 290 8.69 -20.23 8.48
CA GLY C 290 10.08 -19.93 8.15
C GLY C 290 10.42 -18.47 8.40
N ILE C 291 11.69 -18.21 8.68
CA ILE C 291 12.12 -16.86 9.02
C ILE C 291 12.24 -16.02 7.75
N THR C 292 11.69 -14.80 7.79
CA THR C 292 11.84 -13.84 6.71
C THR C 292 12.79 -12.69 7.03
N SER C 293 12.85 -12.22 8.27
CA SER C 293 13.75 -11.13 8.63
C SER C 293 14.25 -11.33 10.05
N VAL C 294 15.42 -10.75 10.33
CA VAL C 294 16.10 -10.86 11.62
C VAL C 294 16.77 -9.53 11.92
N SER C 295 16.61 -9.03 13.15
CA SER C 295 17.28 -7.81 13.59
C SER C 295 17.43 -7.82 15.11
N PHE C 296 18.28 -6.92 15.60
CA PHE C 296 18.62 -6.77 17.01
C PHE C 296 18.20 -5.39 17.51
N SER C 297 18.64 -5.04 18.71
CA SER C 297 18.45 -3.70 19.25
C SER C 297 19.79 -2.98 19.29
N LYS C 298 19.74 -1.68 19.62
CA LYS C 298 20.97 -0.93 19.83
C LYS C 298 21.77 -1.49 20.99
N SER C 299 21.09 -1.90 22.06
CA SER C 299 21.72 -2.54 23.20
C SER C 299 21.50 -4.04 23.24
N GLY C 300 20.85 -4.61 22.23
CA GLY C 300 20.62 -6.04 22.24
C GLY C 300 19.45 -6.39 23.12
N ARG C 301 19.59 -7.53 23.83
CA ARG C 301 18.62 -8.08 24.79
C ARG C 301 17.33 -8.56 24.12
N LEU C 302 17.27 -8.49 22.80
CA LEU C 302 16.07 -8.84 22.06
C LEU C 302 16.42 -9.11 20.61
N LEU C 303 15.83 -10.17 20.06
CA LEU C 303 16.01 -10.53 18.66
C LEU C 303 14.64 -10.45 18.00
N LEU C 304 14.48 -9.43 17.15
CA LEU C 304 13.25 -9.29 16.35
C LEU C 304 13.30 -10.37 15.25
N ALA C 305 12.15 -10.91 14.85
CA ALA C 305 12.15 -11.91 13.79
C ALA C 305 10.85 -11.80 13.01
N GLY C 306 10.84 -12.39 11.83
CA GLY C 306 9.65 -12.40 11.00
C GLY C 306 9.31 -13.77 10.42
N TYR C 307 8.09 -14.24 10.67
CA TYR C 307 7.72 -15.61 10.37
C TYR C 307 6.58 -15.65 9.35
N ASP C 308 6.37 -16.85 8.76
CA ASP C 308 5.28 -17.03 7.79
C ASP C 308 3.92 -16.85 8.46
N ASP C 309 3.77 -17.35 9.68
CA ASP C 309 2.63 -16.96 10.50
C ASP C 309 2.67 -15.46 10.74
N PHE C 310 1.53 -14.80 10.49
CA PHE C 310 1.52 -13.36 10.34
C PHE C 310 1.84 -12.63 11.65
N ASN C 311 1.70 -13.32 12.77
CA ASN C 311 2.12 -12.78 14.06
C ASN C 311 3.64 -12.71 14.12
N CYS C 312 4.16 -11.48 14.14
CA CYS C 312 5.58 -11.25 14.31
C CYS C 312 6.01 -11.67 15.72
N ASN C 313 7.31 -11.93 15.87
CA ASN C 313 7.81 -12.44 17.14
C ASN C 313 9.06 -11.66 17.51
N VAL C 314 9.18 -11.34 18.80
CA VAL C 314 10.41 -10.78 19.34
C VAL C 314 10.86 -11.71 20.46
N TRP C 315 12.08 -12.23 20.33
CA TRP C 315 12.71 -13.11 21.30
C TRP C 315 13.75 -12.30 22.07
N ASP C 316 14.57 -12.98 22.85
CA ASP C 316 15.68 -12.35 23.55
C ASP C 316 16.99 -12.72 22.88
N ALA C 317 17.91 -11.75 22.84
CA ALA C 317 19.23 -12.02 22.29
C ALA C 317 19.99 -13.04 23.12
N LEU C 318 19.70 -13.10 24.41
CA LEU C 318 20.37 -14.02 25.33
C LEU C 318 19.46 -15.17 25.76
N LYS C 319 18.28 -14.84 26.33
CA LYS C 319 17.39 -15.87 26.87
C LYS C 319 16.87 -16.78 25.77
N ALA C 320 16.56 -16.21 24.60
CA ALA C 320 15.97 -16.90 23.45
C ALA C 320 14.67 -17.61 23.83
N ASP C 321 13.89 -16.95 24.67
CA ASP C 321 12.61 -17.45 25.14
C ASP C 321 11.53 -16.50 24.64
N ARG C 322 10.28 -16.93 24.70
CA ARG C 322 9.14 -16.13 24.29
C ARG C 322 9.07 -14.83 25.07
N ALA C 323 9.28 -13.72 24.36
CA ALA C 323 9.32 -12.40 24.97
C ALA C 323 8.13 -11.54 24.57
N GLY C 324 7.87 -11.39 23.28
CA GLY C 324 6.71 -10.63 22.85
C GLY C 324 6.20 -11.08 21.50
N VAL C 325 4.89 -10.95 21.32
CA VAL C 325 4.21 -11.30 20.09
C VAL C 325 3.47 -10.06 19.59
N LEU C 326 3.69 -9.71 18.33
CA LEU C 326 3.09 -8.52 17.73
C LEU C 326 2.19 -8.97 16.57
N ALA C 327 0.89 -8.70 16.70
CA ALA C 327 -0.09 -9.17 15.72
C ALA C 327 -0.65 -8.02 14.89
N GLY C 328 0.20 -7.05 14.53
CA GLY C 328 -0.28 -5.90 13.77
C GLY C 328 -0.73 -6.24 12.37
N HIS C 329 0.06 -7.05 11.65
CA HIS C 329 -0.20 -7.36 10.26
C HIS C 329 -0.91 -8.72 10.12
N ASP C 330 -1.66 -8.84 9.04
CA ASP C 330 -2.40 -10.06 8.72
C ASP C 330 -1.89 -10.71 7.45
N ASN C 331 -0.60 -10.52 7.13
CA ASN C 331 0.00 -11.11 5.95
C ASN C 331 1.45 -11.45 6.26
N ARG C 332 2.16 -11.94 5.25
CA ARG C 332 3.56 -12.32 5.40
C ARG C 332 4.41 -11.11 5.71
N VAL C 333 5.04 -11.11 6.88
CA VAL C 333 5.89 -10.00 7.29
C VAL C 333 7.12 -9.99 6.37
N SER C 334 7.30 -8.87 5.66
CA SER C 334 8.28 -8.82 4.59
C SER C 334 9.58 -8.19 5.05
N CYS C 335 9.49 -7.06 5.74
CA CYS C 335 10.67 -6.35 6.18
C CYS C 335 10.48 -5.86 7.60
N LEU C 336 11.60 -5.62 8.27
CA LEU C 336 11.61 -5.15 9.63
C LEU C 336 12.93 -4.43 9.88
N GLY C 337 12.90 -3.44 10.75
CA GLY C 337 14.09 -2.68 11.06
C GLY C 337 13.99 -1.97 12.38
N VAL C 338 15.16 -1.65 12.94
CA VAL C 338 15.29 -0.93 14.20
C VAL C 338 16.06 0.35 13.90
N THR C 339 15.66 1.45 14.53
CA THR C 339 16.42 2.67 14.40
C THR C 339 17.78 2.51 15.09
N ASP C 340 18.77 3.27 14.59
CA ASP C 340 20.10 3.22 15.18
C ASP C 340 20.10 3.80 16.59
N ASP C 341 19.13 4.66 16.92
CA ASP C 341 18.96 5.12 18.29
C ASP C 341 18.45 4.02 19.20
N GLY C 342 17.78 3.00 18.66
CA GLY C 342 17.16 1.97 19.48
C GLY C 342 15.89 2.43 20.16
N MET C 343 15.30 3.52 19.69
CA MET C 343 14.07 4.10 20.23
C MET C 343 12.80 3.46 19.72
N ALA C 344 12.72 3.13 18.43
CA ALA C 344 11.51 2.59 17.83
C ALA C 344 11.86 1.46 16.87
N VAL C 345 10.83 0.72 16.46
CA VAL C 345 10.99 -0.40 15.54
C VAL C 345 9.85 -0.35 14.52
N ALA C 346 10.21 -0.55 13.25
CA ALA C 346 9.23 -0.53 12.17
C ALA C 346 9.18 -1.88 11.48
N THR C 347 7.96 -2.36 11.23
CA THR C 347 7.76 -3.60 10.50
C THR C 347 6.81 -3.36 9.34
N GLY C 348 6.88 -4.24 8.34
CA GLY C 348 6.03 -4.16 7.18
C GLY C 348 5.82 -5.49 6.48
N SER C 349 4.64 -5.65 5.90
CA SER C 349 4.17 -6.91 5.35
C SER C 349 3.55 -6.69 3.98
N TRP C 350 3.14 -7.78 3.33
CA TRP C 350 2.58 -7.69 1.97
C TRP C 350 1.22 -7.00 1.92
N ASP C 351 0.58 -6.74 3.07
CA ASP C 351 -0.70 -6.05 3.15
C ASP C 351 -0.57 -4.54 2.99
N SER C 352 0.56 -4.05 2.45
CA SER C 352 0.76 -2.66 2.02
C SER C 352 0.74 -1.68 3.18
N PHE C 353 0.98 -2.16 4.39
CA PHE C 353 0.93 -1.34 5.59
C PHE C 353 2.26 -1.43 6.32
N LEU C 354 2.69 -0.30 6.87
CA LEU C 354 3.89 -0.21 7.69
C LEU C 354 3.46 0.21 9.08
N LYS C 355 4.07 -0.37 10.11
CA LYS C 355 3.68 -0.05 11.48
C LYS C 355 4.91 0.18 12.34
N ILE C 356 4.85 1.21 13.18
CA ILE C 356 5.90 1.53 14.14
C ILE C 356 5.40 1.21 15.53
N TRP C 357 6.22 0.49 16.31
CA TRP C 357 5.93 0.24 17.70
C TRP C 357 6.87 1.03 18.59
N ASN C 358 6.60 1.01 19.88
CA ASN C 358 7.41 1.74 20.86
C ASN C 358 7.21 1.19 22.26
N SER D 4 36.65 -32.26 -12.77
CA SER D 4 36.58 -31.00 -12.02
C SER D 4 37.92 -30.69 -11.37
N ILE D 5 38.99 -30.85 -12.17
CA ILE D 5 40.34 -30.67 -11.65
C ILE D 5 40.62 -29.19 -11.36
N ALA D 6 40.14 -28.30 -12.24
CA ALA D 6 40.42 -26.88 -12.09
C ALA D 6 39.70 -26.28 -10.88
N GLN D 7 38.50 -26.78 -10.58
CA GLN D 7 37.78 -26.36 -9.38
C GLN D 7 38.46 -26.87 -8.11
N ALA D 8 39.17 -28.00 -8.20
CA ALA D 8 39.80 -28.59 -7.02
C ALA D 8 40.94 -27.71 -6.51
N ARG D 9 41.69 -27.08 -7.41
CA ARG D 9 42.75 -26.17 -6.99
C ARG D 9 42.17 -24.95 -6.28
N LYS D 10 41.06 -24.41 -6.80
CA LYS D 10 40.38 -23.30 -6.14
C LYS D 10 39.84 -23.71 -4.78
N LEU D 11 39.29 -24.93 -4.67
CA LEU D 11 38.77 -25.42 -3.40
C LEU D 11 39.88 -25.60 -2.37
N VAL D 12 41.02 -26.14 -2.79
CA VAL D 12 42.17 -26.30 -1.91
C VAL D 12 42.68 -24.95 -1.45
N GLU D 13 42.75 -23.98 -2.36
CA GLU D 13 43.27 -22.66 -2.00
C GLU D 13 42.31 -21.91 -1.07
N GLN D 14 41.01 -21.99 -1.33
CA GLN D 14 40.07 -21.31 -0.43
C GLN D 14 40.03 -21.98 0.94
N LEU D 15 40.13 -23.32 0.98
CA LEU D 15 40.15 -24.02 2.27
C LEU D 15 41.41 -23.71 3.05
N LYS D 16 42.56 -23.58 2.36
CA LYS D 16 43.79 -23.19 3.03
C LYS D 16 43.71 -21.77 3.54
N MET D 17 43.10 -20.86 2.77
CA MET D 17 43.04 -19.48 3.22
C MET D 17 41.99 -19.27 4.31
N GLU D 18 41.02 -20.18 4.40
CA GLU D 18 40.05 -20.15 5.49
C GLU D 18 40.55 -20.81 6.75
N ALA D 19 41.75 -21.41 6.73
CA ALA D 19 42.33 -21.98 7.94
C ALA D 19 42.75 -20.91 8.93
N ASN D 20 42.91 -19.67 8.49
CA ASN D 20 43.12 -18.56 9.42
C ASN D 20 41.83 -18.31 10.17
N ILE D 21 41.76 -18.78 11.41
CA ILE D 21 40.57 -18.67 12.25
C ILE D 21 40.98 -18.04 13.57
N ASP D 22 40.07 -17.25 14.13
CA ASP D 22 40.27 -16.60 15.41
C ASP D 22 39.55 -17.37 16.51
N ARG D 23 40.20 -17.47 17.67
CA ARG D 23 39.73 -18.30 18.78
C ARG D 23 39.69 -17.47 20.05
N ILE D 24 38.59 -16.77 20.27
CA ILE D 24 38.35 -16.05 21.52
C ILE D 24 36.97 -16.42 22.02
N LYS D 25 36.78 -16.35 23.33
CA LYS D 25 35.56 -16.85 23.95
C LYS D 25 34.38 -15.91 23.69
N VAL D 26 33.18 -16.45 23.90
CA VAL D 26 31.94 -15.66 23.78
C VAL D 26 31.52 -15.06 25.11
N SER D 27 32.16 -15.45 26.22
CA SER D 27 31.90 -14.80 27.50
C SER D 27 32.35 -13.34 27.49
N LYS D 28 33.36 -13.01 26.68
CA LYS D 28 33.73 -11.62 26.49
C LYS D 28 32.64 -10.87 25.73
N ALA D 29 31.95 -11.54 24.80
CA ALA D 29 30.79 -10.93 24.17
C ALA D 29 29.67 -10.73 25.16
N ALA D 30 29.55 -11.64 26.14
CA ALA D 30 28.59 -11.46 27.23
C ALA D 30 28.94 -10.24 28.08
N ALA D 31 30.23 -10.04 28.36
CA ALA D 31 30.65 -8.83 29.06
C ALA D 31 30.39 -7.58 28.23
N ASP D 32 30.55 -7.68 26.90
CA ASP D 32 30.28 -6.56 26.02
C ASP D 32 28.80 -6.17 26.05
N LEU D 33 27.90 -7.15 25.97
CA LEU D 33 26.48 -6.82 26.02
C LEU D 33 26.04 -6.41 27.43
N MET D 34 26.75 -6.88 28.46
CA MET D 34 26.52 -6.34 29.80
C MET D 34 26.90 -4.88 29.88
N ALA D 35 28.00 -4.48 29.23
CA ALA D 35 28.34 -3.07 29.13
C ALA D 35 27.31 -2.30 28.32
N TYR D 36 26.74 -2.94 27.29
CA TYR D 36 25.64 -2.37 26.54
C TYR D 36 24.43 -2.13 27.44
N CYS D 37 24.17 -3.08 28.35
CA CYS D 37 23.08 -2.92 29.29
C CYS D 37 23.35 -1.78 30.28
N GLU D 38 24.59 -1.70 30.77
CA GLU D 38 24.95 -0.67 31.73
C GLU D 38 24.95 0.73 31.11
N ALA D 39 25.27 0.85 29.82
CA ALA D 39 25.38 2.16 29.20
C ALA D 39 24.31 2.41 28.16
N HIS D 40 24.25 1.57 27.12
CA HIS D 40 23.34 1.83 26.01
C HIS D 40 21.89 1.50 26.36
N ALA D 41 21.67 0.43 27.13
CA ALA D 41 20.30 0.08 27.52
C ALA D 41 19.80 0.95 28.65
N LYS D 42 20.70 1.68 29.31
CA LYS D 42 20.27 2.76 30.18
C LYS D 42 19.55 3.85 29.41
N GLU D 43 19.79 3.93 28.10
CA GLU D 43 19.08 4.83 27.19
C GLU D 43 18.20 4.10 26.17
N ASP D 44 18.24 2.77 26.12
CA ASP D 44 17.37 2.02 25.21
C ASP D 44 16.03 1.78 25.90
N PRO D 45 14.92 2.24 25.31
CA PRO D 45 13.60 2.07 25.94
C PRO D 45 13.13 0.62 26.09
N LEU D 46 13.53 -0.25 25.17
CA LEU D 46 12.92 -1.58 25.08
C LEU D 46 13.24 -2.45 26.29
N LEU D 47 14.49 -2.42 26.75
CA LEU D 47 14.83 -3.07 28.00
C LEU D 47 14.35 -2.24 29.19
N THR D 48 14.85 -1.01 29.29
CA THR D 48 14.51 -0.10 30.39
C THR D 48 13.63 1.01 29.85
N PRO D 49 12.32 0.99 30.14
CA PRO D 49 11.42 2.00 29.59
C PRO D 49 11.72 3.40 30.11
N VAL D 50 11.61 4.37 29.21
CA VAL D 50 11.84 5.78 29.53
C VAL D 50 10.47 6.42 29.65
N PRO D 51 10.32 7.52 30.41
CA PRO D 51 9.01 8.18 30.51
C PRO D 51 8.57 8.76 29.18
N ALA D 52 7.24 8.95 29.05
CA ALA D 52 6.66 9.45 27.80
C ALA D 52 6.93 10.93 27.57
N SER D 53 7.46 11.64 28.58
CA SER D 53 7.82 13.04 28.39
C SER D 53 8.96 13.18 27.39
N GLU D 54 9.99 12.33 27.51
CA GLU D 54 11.10 12.34 26.57
C GLU D 54 10.81 11.57 25.29
N ASN D 55 9.65 10.93 25.22
CA ASN D 55 9.27 10.20 24.00
C ASN D 55 9.01 11.18 22.87
N PRO D 56 9.68 11.04 21.72
CA PRO D 56 9.38 11.90 20.57
C PRO D 56 8.19 11.44 19.73
N PHE D 57 7.39 10.49 20.21
CA PHE D 57 6.27 9.97 19.45
C PHE D 57 4.93 10.12 20.15
N ARG D 58 4.89 10.75 21.32
CA ARG D 58 3.65 10.88 22.09
C ARG D 58 2.69 11.87 21.44
N ASP E 1 23.26 26.46 -13.79
CA ASP E 1 22.33 26.52 -12.68
C ASP E 1 20.91 26.77 -13.16
N VAL E 2 20.14 27.55 -12.40
CA VAL E 2 18.77 27.91 -12.78
C VAL E 2 18.71 29.40 -13.02
N GLN E 3 17.72 29.82 -13.81
CA GLN E 3 17.49 31.23 -14.08
C GLN E 3 16.16 31.66 -13.45
N LEU E 4 16.21 32.69 -12.63
CA LEU E 4 15.03 33.26 -11.99
C LEU E 4 14.93 34.74 -12.28
N VAL E 5 15.08 35.11 -13.55
CA VAL E 5 15.00 36.50 -13.96
C VAL E 5 13.56 36.96 -13.92
N GLU E 6 13.33 38.26 -14.02
CA GLU E 6 12.02 38.86 -13.90
C GLU E 6 11.63 39.51 -15.21
N SER E 7 10.32 39.71 -15.40
CA SER E 7 9.82 40.39 -16.59
C SER E 7 10.27 41.83 -16.64
N GLY E 8 10.26 42.51 -15.50
CA GLY E 8 10.73 43.87 -15.43
C GLY E 8 9.63 44.87 -15.17
N GLY E 9 9.94 45.90 -14.38
CA GLY E 9 8.99 46.94 -14.09
C GLY E 9 9.49 48.29 -14.58
N GLY E 10 8.64 49.30 -14.41
CA GLY E 10 8.96 50.66 -14.83
C GLY E 10 8.43 51.66 -13.85
N LEU E 11 7.99 52.80 -14.35
CA LEU E 11 7.43 53.85 -13.51
C LEU E 11 5.92 53.80 -13.67
N VAL E 12 5.28 52.96 -12.86
CA VAL E 12 3.83 52.77 -12.94
C VAL E 12 3.14 53.97 -12.32
N GLN E 13 2.02 54.38 -12.93
CA GLN E 13 1.22 55.48 -12.42
C GLN E 13 0.65 55.13 -11.05
N PRO E 14 0.41 56.12 -10.18
CA PRO E 14 -0.11 55.81 -8.84
C PRO E 14 -1.53 55.29 -8.89
N GLY E 15 -1.75 54.20 -8.16
CA GLY E 15 -3.07 53.59 -8.16
C GLY E 15 -3.40 52.84 -9.45
N GLY E 16 -2.39 52.44 -10.20
CA GLY E 16 -2.58 51.81 -11.50
C GLY E 16 -2.60 50.30 -11.43
N SER E 17 -2.33 49.68 -12.57
CA SER E 17 -2.35 48.23 -12.68
C SER E 17 -1.26 47.77 -13.64
N ARG E 18 -0.71 46.59 -13.37
CA ARG E 18 0.40 46.05 -14.13
C ARG E 18 0.47 44.53 -13.89
N LYS E 19 1.16 43.84 -14.78
CA LYS E 19 1.50 42.43 -14.62
C LYS E 19 3.02 42.26 -14.56
N LEU E 20 3.44 41.20 -13.89
CA LEU E 20 4.85 40.88 -13.76
C LEU E 20 5.03 39.37 -13.90
N SER E 21 6.23 38.95 -14.30
CA SER E 21 6.50 37.53 -14.45
C SER E 21 7.92 37.23 -14.02
N CYS E 22 8.11 36.04 -13.44
CA CYS E 22 9.42 35.52 -13.04
C CYS E 22 9.72 34.32 -13.94
N SER E 23 10.61 34.51 -14.91
CA SER E 23 10.95 33.44 -15.84
C SER E 23 11.69 32.31 -15.15
N ALA E 24 11.33 31.08 -15.50
CA ALA E 24 11.85 29.90 -14.84
C ALA E 24 12.46 28.95 -15.86
N SER E 25 13.57 28.31 -15.47
CA SER E 25 14.25 27.35 -16.31
C SER E 25 15.16 26.48 -15.45
N GLY E 26 15.31 25.23 -15.85
CA GLY E 26 16.26 24.34 -15.21
C GLY E 26 15.90 23.86 -13.82
N PHE E 27 14.61 23.77 -13.52
CA PHE E 27 14.12 23.16 -12.28
C PHE E 27 12.66 22.80 -12.47
N ALA E 28 12.08 22.18 -11.44
CA ALA E 28 10.68 21.77 -11.49
C ALA E 28 9.82 22.87 -10.90
N PHE E 29 9.17 23.60 -11.79
CA PHE E 29 8.23 24.64 -11.37
C PHE E 29 7.01 24.04 -10.69
N SER E 30 6.59 22.86 -11.11
CA SER E 30 5.36 22.24 -10.61
C SER E 30 5.49 21.71 -9.18
N SER E 31 6.69 21.69 -8.60
CA SER E 31 6.89 21.13 -7.27
C SER E 31 7.55 22.14 -6.34
N PHE E 32 7.63 23.40 -6.74
CA PHE E 32 8.30 24.43 -5.96
C PHE E 32 7.32 25.55 -5.63
N GLY E 33 7.44 26.08 -4.41
CA GLY E 33 6.73 27.28 -4.03
C GLY E 33 7.46 28.51 -4.54
N MET E 34 6.76 29.65 -4.50
CA MET E 34 7.35 30.88 -5.02
C MET E 34 6.96 32.05 -4.14
N HIS E 35 7.92 32.91 -3.85
CA HIS E 35 7.71 34.12 -3.05
C HIS E 35 8.11 35.36 -3.83
N TRP E 36 7.49 36.48 -3.46
CA TRP E 36 7.89 37.79 -3.93
C TRP E 36 8.16 38.63 -2.69
N VAL E 37 9.29 39.34 -2.68
CA VAL E 37 9.84 39.96 -1.48
C VAL E 37 10.17 41.41 -1.77
N ARG E 38 9.68 42.32 -0.92
CA ARG E 38 9.95 43.75 -1.09
C ARG E 38 11.43 44.04 -0.82
N GLN E 39 11.92 45.11 -1.43
CA GLN E 39 13.19 45.72 -1.03
C GLN E 39 13.11 47.20 -1.35
N ALA E 40 13.13 48.04 -0.32
CA ALA E 40 13.02 49.47 -0.53
C ALA E 40 14.24 49.99 -1.29
N PRO E 41 14.06 50.94 -2.21
CA PRO E 41 15.19 51.44 -3.02
C PRO E 41 16.25 52.14 -2.17
N GLU E 42 15.81 53.00 -1.25
CA GLU E 42 16.75 53.67 -0.37
C GLU E 42 17.30 52.72 0.67
N LYS E 43 16.44 52.17 1.53
CA LYS E 43 16.83 51.20 2.55
C LYS E 43 15.61 50.44 3.06
N GLY E 44 15.64 49.12 2.93
CA GLY E 44 14.58 48.28 3.46
C GLY E 44 14.43 47.00 2.67
N LEU E 45 13.71 46.05 3.26
CA LEU E 45 13.46 44.75 2.65
C LEU E 45 12.25 44.18 3.38
N GLU E 46 11.15 43.96 2.68
CA GLU E 46 9.93 43.44 3.31
C GLU E 46 9.32 42.33 2.47
N TRP E 47 8.08 41.95 2.78
CA TRP E 47 7.40 40.87 2.07
C TRP E 47 6.40 41.43 1.07
N VAL E 48 6.15 40.66 0.00
CA VAL E 48 5.07 40.99 -0.92
C VAL E 48 4.03 39.87 -0.94
N ALA E 49 4.41 38.71 -1.45
CA ALA E 49 3.39 37.75 -1.87
C ALA E 49 3.86 36.33 -1.55
N TYR E 50 3.07 35.36 -2.01
CA TYR E 50 3.26 33.94 -1.72
C TYR E 50 2.43 33.13 -2.68
N ILE E 51 2.97 31.98 -3.10
CA ILE E 51 2.17 30.94 -3.74
C ILE E 51 2.79 29.58 -3.41
N SER E 52 1.94 28.63 -3.03
CA SER E 52 2.39 27.29 -2.68
C SER E 52 2.61 26.46 -3.94
N SER E 53 3.02 25.20 -3.76
CA SER E 53 3.36 24.35 -4.90
C SER E 53 2.11 23.95 -5.68
N GLY E 54 1.05 23.56 -4.99
CA GLY E 54 -0.17 23.14 -5.62
C GLY E 54 -1.26 24.19 -5.72
N SER E 55 -0.93 25.47 -5.50
CA SER E 55 -1.85 26.60 -5.51
C SER E 55 -2.97 26.46 -4.49
N GLY E 56 -2.75 25.73 -3.40
CA GLY E 56 -3.81 25.54 -2.42
C GLY E 56 -3.94 26.71 -1.46
N THR E 57 -2.82 27.18 -0.91
CA THR E 57 -2.82 28.26 0.06
C THR E 57 -2.07 29.45 -0.51
N ILE E 58 -2.67 30.63 -0.39
CA ILE E 58 -2.06 31.88 -0.84
C ILE E 58 -2.16 32.89 0.29
N TYR E 59 -1.03 33.45 0.69
CA TYR E 59 -0.97 34.44 1.77
C TYR E 59 -0.54 35.79 1.21
N TYR E 60 -0.77 36.84 2.01
CA TYR E 60 -0.42 38.19 1.60
C TYR E 60 -0.09 39.04 2.83
N ALA E 61 0.43 40.24 2.56
CA ALA E 61 0.77 41.20 3.58
C ALA E 61 -0.44 42.04 3.95
N ASP E 62 -0.22 43.14 4.67
CA ASP E 62 -1.33 43.99 5.13
C ASP E 62 -2.02 44.69 3.97
N THR E 63 -1.28 45.52 3.23
CA THR E 63 -1.85 46.19 2.07
C THR E 63 -1.95 45.27 0.87
N VAL E 64 -1.20 44.15 0.89
CA VAL E 64 -1.21 43.21 -0.22
C VAL E 64 -2.31 42.17 -0.05
N LYS E 65 -3.05 42.24 1.07
CA LYS E 65 -4.17 41.33 1.33
C LYS E 65 -5.24 41.41 0.25
N GLY E 66 -5.57 42.62 -0.18
CA GLY E 66 -6.21 42.85 -1.44
C GLY E 66 -5.22 43.45 -2.43
N ARG E 67 -5.76 43.83 -3.59
CA ARG E 67 -5.11 44.61 -4.65
C ARG E 67 -3.96 43.88 -5.35
N PHE E 68 -3.62 42.65 -4.97
CA PHE E 68 -2.52 41.92 -5.59
C PHE E 68 -2.87 40.44 -5.63
N THR E 69 -2.59 39.79 -6.76
CA THR E 69 -2.80 38.36 -6.87
C THR E 69 -1.67 37.73 -7.66
N ILE E 70 -1.57 36.39 -7.56
CA ILE E 70 -0.49 35.63 -8.15
C ILE E 70 -1.06 34.34 -8.75
N SER E 71 -0.44 33.87 -9.83
CA SER E 71 -0.89 32.69 -10.54
C SER E 71 0.31 32.02 -11.20
N ARG E 72 0.16 30.74 -11.54
CA ARG E 72 1.25 29.97 -12.13
C ARG E 72 0.77 29.32 -13.43
N ASP E 73 1.73 28.88 -14.23
CA ASP E 73 1.43 28.13 -15.45
C ASP E 73 2.54 27.09 -15.63
N ASP E 74 2.18 25.83 -15.38
CA ASP E 74 3.16 24.75 -15.42
C ASP E 74 3.58 24.28 -16.81
N PRO E 75 2.71 24.21 -17.85
CA PRO E 75 3.23 23.89 -19.19
C PRO E 75 4.28 24.85 -19.73
N LYS E 76 4.14 26.15 -19.46
CA LYS E 76 5.18 27.08 -19.83
C LYS E 76 6.27 27.21 -18.76
N ASN E 77 6.02 26.66 -17.56
CA ASN E 77 6.89 26.80 -16.38
C ASN E 77 7.17 28.28 -16.09
N THR E 78 6.10 28.99 -15.75
CA THR E 78 6.19 30.44 -15.58
C THR E 78 5.23 30.90 -14.49
N LEU E 79 5.49 32.11 -14.00
CA LEU E 79 4.74 32.70 -12.91
C LEU E 79 4.20 34.05 -13.36
N PHE E 80 3.03 34.43 -12.87
CA PHE E 80 2.43 35.72 -13.16
C PHE E 80 1.97 36.37 -11.86
N LEU E 81 2.09 37.70 -11.81
CA LEU E 81 1.66 38.48 -10.65
C LEU E 81 0.91 39.71 -11.15
N GLN E 82 -0.36 39.80 -10.80
CA GLN E 82 -1.19 40.94 -11.17
C GLN E 82 -1.22 41.92 -10.00
N MET E 83 -0.78 43.14 -10.27
CA MET E 83 -0.70 44.20 -9.27
C MET E 83 -1.67 45.29 -9.63
N THR E 84 -2.54 45.65 -8.68
CA THR E 84 -3.53 46.71 -8.90
C THR E 84 -3.41 47.73 -7.78
N SER E 85 -3.66 49.00 -8.12
CA SER E 85 -3.69 50.13 -7.18
C SER E 85 -2.38 50.25 -6.40
N LEU E 86 -1.30 50.51 -7.14
CA LEU E 86 0.02 50.64 -6.53
C LEU E 86 0.13 51.89 -5.67
N ARG E 87 0.72 51.74 -4.49
CA ARG E 87 0.96 52.85 -3.59
C ARG E 87 2.45 52.96 -3.34
N SER E 88 2.84 54.04 -2.65
CA SER E 88 4.25 54.33 -2.43
C SER E 88 4.91 53.29 -1.54
N GLU E 89 4.19 52.82 -0.51
CA GLU E 89 4.69 51.73 0.32
C GLU E 89 4.73 50.41 -0.43
N ASP E 90 3.89 50.25 -1.47
CA ASP E 90 3.87 49.00 -2.21
C ASP E 90 5.11 48.83 -3.08
N THR E 91 5.53 49.90 -3.75
CA THR E 91 6.62 49.80 -4.71
C THR E 91 7.96 49.62 -3.99
N ALA E 92 8.80 48.78 -4.57
CA ALA E 92 10.05 48.33 -3.98
C ALA E 92 10.86 47.65 -5.07
N MET E 93 11.99 47.07 -4.68
CA MET E 93 12.76 46.19 -5.56
C MET E 93 12.25 44.77 -5.31
N TYR E 94 11.33 44.34 -6.16
CA TYR E 94 10.59 43.09 -5.94
C TYR E 94 11.48 41.90 -6.32
N TYR E 95 11.99 41.22 -5.31
CA TYR E 95 12.90 40.10 -5.52
C TYR E 95 12.13 38.79 -5.57
N CYS E 96 12.50 37.94 -6.53
CA CYS E 96 11.83 36.67 -6.78
C CYS E 96 12.56 35.57 -6.03
N VAL E 97 11.82 34.81 -5.21
CA VAL E 97 12.41 33.81 -4.32
C VAL E 97 11.79 32.46 -4.64
N ARG E 98 12.62 31.43 -4.74
CA ARG E 98 12.13 30.06 -4.81
C ARG E 98 12.41 29.36 -3.49
N SER E 99 11.55 28.42 -3.14
CA SER E 99 11.67 27.66 -1.91
C SER E 99 10.79 26.41 -2.00
N ILE E 100 11.26 25.35 -1.35
CA ILE E 100 10.48 24.14 -1.13
C ILE E 100 10.54 23.82 0.35
N TYR E 101 9.40 23.44 0.93
CA TYR E 101 9.28 23.22 2.37
C TYR E 101 9.04 21.75 2.65
N TYR E 102 10.01 21.11 3.28
CA TYR E 102 9.89 19.71 3.71
C TYR E 102 10.91 19.48 4.82
N TYR E 103 11.04 18.22 5.23
CA TYR E 103 11.92 17.85 6.34
C TYR E 103 13.38 18.02 5.96
N GLY E 104 14.08 18.87 6.72
CA GLY E 104 15.47 19.13 6.45
C GLY E 104 15.73 20.04 5.27
N SER E 105 14.69 20.62 4.71
CA SER E 105 14.85 21.50 3.56
C SER E 105 15.50 22.81 3.98
N SER E 106 16.17 23.45 3.03
CA SER E 106 16.73 24.77 3.24
C SER E 106 15.92 25.76 2.42
N PRO E 107 14.96 26.44 3.04
CA PRO E 107 14.15 27.42 2.29
C PRO E 107 14.96 28.63 1.88
N PHE E 108 14.36 29.41 0.97
CA PHE E 108 14.93 30.66 0.44
C PHE E 108 16.29 30.40 -0.21
N ASP E 109 16.36 29.32 -1.01
CA ASP E 109 17.64 28.86 -1.54
C ASP E 109 18.20 29.83 -2.57
N PHE E 110 17.39 30.23 -3.53
CA PHE E 110 17.84 31.07 -4.63
C PHE E 110 16.97 32.32 -4.71
N TRP E 111 17.60 33.43 -5.09
CA TRP E 111 16.92 34.71 -5.20
C TRP E 111 17.13 35.28 -6.60
N GLY E 112 16.13 36.00 -7.09
CA GLY E 112 16.17 36.55 -8.44
C GLY E 112 17.01 37.80 -8.58
N GLN E 113 16.59 38.70 -9.45
CA GLN E 113 17.33 39.94 -9.68
C GLN E 113 16.61 41.19 -9.21
N GLY E 114 15.28 41.20 -9.24
CA GLY E 114 14.55 42.37 -8.83
C GLY E 114 14.14 43.26 -9.99
N THR E 115 13.34 44.27 -9.64
CA THR E 115 12.89 45.28 -10.59
C THR E 115 13.15 46.65 -10.01
N THR E 116 13.31 47.64 -10.87
CA THR E 116 13.45 49.04 -10.45
C THR E 116 12.08 49.71 -10.37
N LEU E 117 11.17 49.09 -9.64
CA LEU E 117 9.77 49.51 -9.56
C LEU E 117 9.63 50.66 -8.58
N THR E 118 9.60 51.89 -9.09
CA THR E 118 9.37 53.07 -8.27
C THR E 118 8.16 53.80 -8.87
N VAL E 119 7.11 53.98 -8.06
CA VAL E 119 5.95 54.73 -8.50
C VAL E 119 6.31 56.21 -8.58
N SER E 120 5.80 56.88 -9.62
CA SER E 120 5.97 58.32 -9.86
C SER E 120 7.43 58.75 -9.96
N SER E 136 -1.24 44.08 15.67
CA SER E 136 -0.32 44.31 14.57
C SER E 136 0.37 43.01 14.16
N ASP E 137 1.66 43.10 13.86
CA ASP E 137 2.45 41.93 13.49
C ASP E 137 3.75 41.97 14.28
N ILE E 138 4.47 40.84 14.26
CA ILE E 138 5.69 40.72 15.05
C ILE E 138 6.79 41.59 14.45
N VAL E 139 7.45 42.36 15.30
CA VAL E 139 8.49 43.30 14.89
C VAL E 139 9.78 42.92 15.59
N MET E 140 10.85 42.73 14.81
CA MET E 140 12.18 42.52 15.33
C MET E 140 13.05 43.73 15.00
N THR E 141 14.23 43.80 15.62
CA THR E 141 15.13 44.91 15.38
C THR E 141 16.59 44.53 15.61
N GLN E 142 17.49 45.06 14.80
CA GLN E 142 18.90 44.85 15.02
C GLN E 142 19.45 45.92 15.98
N ALA E 143 20.74 45.80 16.29
CA ALA E 143 21.39 46.78 17.16
C ALA E 143 21.50 48.13 16.47
N THR E 144 22.24 48.19 15.37
CA THR E 144 22.38 49.42 14.59
C THR E 144 22.72 49.05 13.15
N SER E 145 22.17 49.81 12.21
CA SER E 145 22.33 49.49 10.79
C SER E 145 23.68 49.92 10.23
N SER E 146 24.49 50.65 10.99
CA SER E 146 25.80 51.10 10.54
C SER E 146 26.84 50.66 11.57
N VAL E 147 27.35 49.44 11.39
CA VAL E 147 28.39 48.91 12.28
C VAL E 147 29.72 48.89 11.55
N PRO E 148 30.67 49.74 11.94
CA PRO E 148 31.97 49.75 11.28
C PRO E 148 32.79 48.53 11.66
N VAL E 149 33.43 47.93 10.65
CA VAL E 149 34.20 46.71 10.81
C VAL E 149 35.60 46.92 10.23
N THR E 150 36.45 45.92 10.42
CA THR E 150 37.82 45.91 9.92
C THR E 150 38.07 44.53 9.35
N PRO E 151 38.79 44.43 8.23
CA PRO E 151 39.17 43.11 7.70
C PRO E 151 40.06 42.33 8.66
N GLY E 152 39.84 41.02 8.70
CA GLY E 152 40.60 40.12 9.55
C GLY E 152 40.16 40.06 10.99
N GLU E 153 39.09 40.76 11.36
CA GLU E 153 38.64 40.83 12.75
C GLU E 153 37.24 40.29 12.88
N SER E 154 37.00 39.52 13.94
CA SER E 154 35.69 38.90 14.16
C SER E 154 34.69 39.93 14.69
N VAL E 155 33.50 39.96 14.08
CA VAL E 155 32.42 40.86 14.48
C VAL E 155 31.18 40.01 14.72
N SER E 156 30.30 40.50 15.59
CA SER E 156 29.00 39.87 15.83
C SER E 156 27.92 40.92 15.71
N ILE E 157 26.86 40.60 14.96
CA ILE E 157 25.73 41.49 14.80
C ILE E 157 24.47 40.78 15.28
N SER E 158 23.68 41.47 16.11
CA SER E 158 22.60 40.85 16.86
C SER E 158 21.26 41.44 16.44
N CYS E 159 20.29 40.56 16.19
CA CYS E 159 18.90 40.96 15.95
C CYS E 159 18.02 40.37 17.04
N ARG E 160 17.34 41.24 17.78
CA ARG E 160 16.47 40.84 18.87
C ARG E 160 15.02 40.81 18.40
N SER E 161 14.26 39.87 18.94
CA SER E 161 12.85 39.71 18.64
C SER E 161 12.02 39.85 19.91
N SER E 162 10.84 40.45 19.77
CA SER E 162 9.95 40.62 20.92
C SER E 162 9.41 39.29 21.41
N LYS E 163 9.00 38.42 20.49
CA LYS E 163 8.51 37.09 20.81
C LYS E 163 9.56 36.08 20.43
N SER E 164 9.89 35.18 21.36
CA SER E 164 10.92 34.18 21.11
C SER E 164 10.46 33.19 20.04
N LEU E 165 11.40 32.82 19.16
CA LEU E 165 11.10 32.00 17.99
C LEU E 165 11.14 30.51 18.28
N LEU E 166 11.39 30.11 19.53
CA LEU E 166 11.45 28.70 19.87
C LEU E 166 10.04 28.11 19.82
N HIS E 167 9.76 27.37 18.75
CA HIS E 167 8.47 26.71 18.59
C HIS E 167 8.35 25.54 19.57
N SER E 168 7.19 24.90 19.56
CA SER E 168 6.93 23.76 20.45
C SER E 168 7.83 22.58 20.10
N ASN E 169 8.16 22.42 18.82
CA ASN E 169 9.03 21.33 18.40
C ASN E 169 10.49 21.57 18.80
N GLY E 170 10.85 22.81 19.13
CA GLY E 170 12.20 23.11 19.56
C GLY E 170 13.09 23.70 18.50
N ASN E 171 12.57 24.01 17.31
CA ASN E 171 13.36 24.56 16.22
C ASN E 171 13.26 26.07 16.24
N THR E 172 14.42 26.74 16.25
CA THR E 172 14.46 28.19 16.18
C THR E 172 14.35 28.61 14.72
N TYR E 173 13.25 29.27 14.37
CA TYR E 173 12.99 29.67 12.99
C TYR E 173 13.73 30.98 12.72
N LEU E 174 14.81 30.89 11.93
CA LEU E 174 15.64 32.04 11.61
C LEU E 174 16.44 31.75 10.35
N TYR E 175 16.70 32.81 9.59
CA TYR E 175 17.54 32.78 8.40
C TYR E 175 18.32 34.09 8.32
N TRP E 176 19.43 34.07 7.58
CA TRP E 176 20.23 35.26 7.35
C TRP E 176 20.56 35.38 5.87
N PHE E 177 21.00 36.58 5.48
CA PHE E 177 21.27 36.87 4.07
C PHE E 177 22.37 37.91 3.97
N LEU E 178 23.25 37.74 2.98
CA LEU E 178 24.26 38.73 2.64
C LEU E 178 23.95 39.29 1.27
N GLN E 179 23.89 40.61 1.16
CA GLN E 179 23.58 41.31 -0.08
C GLN E 179 24.87 41.89 -0.64
N ARG E 180 25.33 41.34 -1.75
CA ARG E 180 26.51 41.88 -2.42
C ARG E 180 26.17 43.23 -3.05
N PRO E 181 27.19 44.11 -3.25
CA PRO E 181 26.93 45.43 -3.86
C PRO E 181 26.39 45.35 -5.28
N GLY E 182 25.14 45.73 -5.46
CA GLY E 182 24.48 45.68 -6.74
C GLY E 182 24.25 44.28 -7.26
N GLN E 183 23.96 43.34 -6.36
CA GLN E 183 23.72 41.95 -6.77
C GLN E 183 22.71 41.32 -5.81
N SER E 184 22.27 40.12 -6.18
CA SER E 184 21.28 39.39 -5.40
C SER E 184 21.89 38.88 -4.09
N PRO E 185 21.09 38.78 -3.04
CA PRO E 185 21.60 38.21 -1.79
C PRO E 185 21.77 36.70 -1.86
N GLN E 186 22.57 36.20 -0.93
CA GLN E 186 22.78 34.77 -0.77
C GLN E 186 22.59 34.41 0.69
N LEU E 187 22.00 33.23 0.92
CA LEU E 187 21.78 32.73 2.26
C LEU E 187 23.11 32.39 2.93
N LEU E 188 23.16 32.59 4.24
CA LEU E 188 24.36 32.32 5.03
C LEU E 188 24.15 31.21 6.04
N ILE E 189 23.02 31.19 6.75
CA ILE E 189 22.77 30.21 7.79
C ILE E 189 21.26 30.06 7.93
N TYR E 190 20.80 28.81 8.02
CA TYR E 190 19.39 28.52 8.22
C TYR E 190 19.22 27.81 9.55
N ARG E 191 18.14 28.17 10.25
CA ARG E 191 17.72 27.65 11.56
C ARG E 191 18.75 27.91 12.66
N MET E 192 19.61 28.93 12.49
CA MET E 192 20.56 29.46 13.48
C MET E 192 21.71 28.49 13.79
N SER E 193 21.71 27.28 13.25
CA SER E 193 22.71 26.30 13.65
C SER E 193 23.41 25.65 12.46
N ASN E 194 22.75 25.59 11.32
CA ASN E 194 23.29 24.90 10.15
C ASN E 194 23.51 25.87 9.01
N LEU E 195 24.56 25.61 8.23
CA LEU E 195 24.97 26.50 7.15
C LEU E 195 24.25 26.13 5.85
N ALA E 196 24.68 26.72 4.74
CA ALA E 196 24.09 26.47 3.44
C ALA E 196 25.20 26.08 2.45
N SER E 197 24.80 25.90 1.20
CA SER E 197 25.75 25.53 0.16
C SER E 197 26.51 26.75 -0.34
N GLY E 198 27.78 26.54 -0.67
CA GLY E 198 28.59 27.59 -1.27
C GLY E 198 29.02 28.69 -0.32
N VAL E 199 29.05 28.41 0.98
CA VAL E 199 29.50 29.39 1.96
C VAL E 199 30.64 28.80 2.78
N PRO E 200 31.62 29.62 3.21
CA PRO E 200 32.67 29.10 4.11
C PRO E 200 32.18 28.94 5.54
N ASP E 201 32.99 28.32 6.39
CA ASP E 201 32.59 28.01 7.77
C ASP E 201 32.58 29.23 8.69
N ARG E 202 33.04 30.38 8.22
CA ARG E 202 33.29 31.53 9.07
C ARG E 202 32.02 32.18 9.60
N PHE E 203 30.85 31.85 9.06
CA PHE E 203 29.59 32.35 9.56
C PHE E 203 29.04 31.38 10.61
N SER E 204 28.55 31.93 11.72
CA SER E 204 27.96 31.09 12.77
C SER E 204 26.82 31.84 13.43
N GLY E 205 25.93 31.09 14.07
CA GLY E 205 24.80 31.65 14.78
C GLY E 205 24.85 31.32 16.25
N SER E 206 24.36 32.24 17.08
CA SER E 206 24.32 32.06 18.53
C SER E 206 23.20 32.92 19.09
N GLY E 207 23.08 32.91 20.41
CA GLY E 207 22.12 33.73 21.10
C GLY E 207 20.98 32.92 21.69
N SER E 208 20.17 33.58 22.50
CA SER E 208 19.03 32.93 23.12
C SER E 208 17.85 32.91 22.15
N GLY E 209 16.73 32.35 22.61
CA GLY E 209 15.52 32.37 21.82
C GLY E 209 14.91 33.75 21.63
N THR E 210 15.18 34.67 22.54
CA THR E 210 14.73 36.04 22.44
C THR E 210 15.71 36.94 21.71
N ALA E 211 17.00 36.85 22.03
CA ALA E 211 18.03 37.65 21.38
C ALA E 211 18.94 36.74 20.57
N PHE E 212 19.02 37.00 19.27
CA PHE E 212 19.85 36.23 18.36
C PHE E 212 21.10 37.01 18.00
N THR E 213 22.09 36.31 17.44
CA THR E 213 23.28 36.98 16.92
C THR E 213 23.92 36.12 15.85
N LEU E 214 24.52 36.78 14.86
CA LEU E 214 25.34 36.16 13.84
C LEU E 214 26.78 36.62 14.02
N THR E 215 27.69 35.66 14.11
CA THR E 215 29.12 35.91 14.24
C THR E 215 29.78 35.69 12.89
N ILE E 216 30.47 36.71 12.40
CA ILE E 216 31.28 36.62 11.19
C ILE E 216 32.73 36.86 11.61
N SER E 217 33.64 36.30 10.82
CA SER E 217 35.06 36.47 11.05
C SER E 217 35.76 36.50 9.70
N ARG E 218 37.08 36.75 9.74
CA ARG E 218 37.97 36.73 8.56
C ARG E 218 37.46 37.62 7.45
N LEU E 219 37.12 38.86 7.82
CA LEU E 219 36.52 39.80 6.89
C LEU E 219 37.51 40.19 5.80
N GLU E 220 36.98 40.37 4.59
CA GLU E 220 37.77 40.72 3.43
C GLU E 220 36.89 41.57 2.52
N ALA E 221 37.31 41.72 1.27
CA ALA E 221 36.57 42.51 0.29
C ALA E 221 35.50 41.70 -0.44
N GLU E 222 35.06 40.58 0.13
CA GLU E 222 34.05 39.73 -0.50
C GLU E 222 32.89 39.44 0.44
N ASP E 223 32.74 40.25 1.49
CA ASP E 223 31.65 40.07 2.44
C ASP E 223 30.89 41.36 2.74
N VAL E 224 31.17 42.45 2.05
CA VAL E 224 30.51 43.73 2.33
C VAL E 224 29.07 43.70 1.84
N GLY E 225 28.18 44.32 2.63
CA GLY E 225 26.82 44.49 2.20
C GLY E 225 25.82 44.76 3.30
N VAL E 226 24.62 44.18 3.20
CA VAL E 226 23.56 44.34 4.17
C VAL E 226 23.12 42.96 4.64
N TYR E 227 22.80 42.86 5.93
CA TYR E 227 22.38 41.61 6.56
C TYR E 227 21.02 41.80 7.21
N TYR E 228 20.20 40.76 7.18
CA TYR E 228 18.84 40.82 7.67
C TYR E 228 18.53 39.58 8.51
N CYS E 229 17.71 39.77 9.54
CA CYS E 229 17.27 38.70 10.43
C CYS E 229 15.87 38.28 10.01
N MET E 230 15.63 36.98 9.96
CA MET E 230 14.39 36.47 9.39
C MET E 230 13.38 36.18 10.50
N GLN E 231 12.17 35.78 10.08
CA GLN E 231 11.19 35.22 11.00
C GLN E 231 10.24 34.34 10.20
N HIS E 232 10.23 33.04 10.51
CA HIS E 232 9.39 32.06 9.83
C HIS E 232 8.47 31.34 10.82
N LEU E 233 8.31 31.87 12.03
CA LEU E 233 7.52 31.18 13.05
C LEU E 233 6.04 31.15 12.70
N GLU E 234 5.50 32.26 12.20
CA GLU E 234 4.07 32.33 11.91
C GLU E 234 3.82 32.76 10.47
N TYR E 235 2.56 33.09 10.14
CA TYR E 235 2.13 33.56 8.83
C TYR E 235 2.95 34.75 8.31
N PRO E 236 3.16 35.85 9.06
CA PRO E 236 3.98 36.93 8.49
C PRO E 236 5.46 36.55 8.52
N LEU E 237 6.14 36.82 7.41
CA LEU E 237 7.58 36.59 7.30
C LEU E 237 8.35 37.88 7.47
N THR E 238 7.89 38.68 8.44
CA THR E 238 8.35 40.04 8.69
C THR E 238 9.87 40.11 8.85
N PHE E 239 10.49 40.80 7.92
CA PHE E 239 11.93 40.95 7.84
C PHE E 239 12.41 41.94 8.89
N GLY E 240 13.72 41.94 9.13
CA GLY E 240 14.32 42.86 10.08
C GLY E 240 14.56 44.22 9.47
N ALA E 241 15.00 45.15 10.32
CA ALA E 241 15.37 46.47 9.85
C ALA E 241 16.60 46.41 8.95
N GLY E 242 17.57 45.59 9.31
CA GLY E 242 18.75 45.38 8.49
C GLY E 242 19.96 46.12 9.03
N THR E 243 21.14 45.58 8.73
CA THR E 243 22.42 46.17 9.08
C THR E 243 23.29 46.29 7.84
N LYS E 244 23.69 47.51 7.49
CA LYS E 244 24.67 47.71 6.44
C LYS E 244 26.07 47.68 7.06
N LEU E 245 26.81 46.62 6.78
CA LEU E 245 28.18 46.47 7.26
C LEU E 245 29.05 47.43 6.47
N GLU E 246 29.37 48.58 7.08
CA GLU E 246 30.23 49.56 6.45
C GLU E 246 31.69 49.17 6.70
N LEU E 247 32.61 49.92 6.11
CA LEU E 247 34.03 49.63 6.26
C LEU E 247 34.75 50.73 7.03
N1 NFI F . -59.87 1.51 9.27
C4 NFI F . -64.52 -0.80 6.88
C5 NFI F . -64.33 0.07 7.94
C6 NFI F . -65.44 0.70 8.50
C7 NFI F . -62.96 0.34 8.47
C8 NFI F . -62.67 0.04 9.92
C10 NFI F . -60.36 0.94 10.39
C13 NFI F . -56.49 1.08 7.85
C15 NFI F . -56.57 3.09 9.22
C17 NFI F . -54.44 3.75 8.94
C20 NFI F . -53.10 4.37 8.90
C1 NFI F . -66.70 0.45 8.01
C2 NFI F . -66.88 -0.42 6.96
C3 NFI F . -65.79 -1.04 6.39
O1 NFI F . -62.10 0.79 7.74
C9 NFI F . -61.20 -0.29 10.15
O2 NFI F . -60.16 1.40 11.51
C11 NFI F . -58.51 1.76 8.98
C12 NFI F . -57.81 0.87 8.16
C14 NFI F . -55.89 2.20 8.40
C16 NFI F . -57.90 2.87 9.52
O3 NFI F . -54.59 2.59 8.22
C18 NFI F . -55.60 4.11 9.56
C19 NFI F . -55.87 5.29 10.42
O4 NFI F . -52.55 4.51 7.78
O5 NFI F . -52.58 4.74 9.99
#